data_3T72
#
_entry.id   3T72
#
_cell.length_a   277.300
_cell.length_b   161.400
_cell.length_c   260.100
_cell.angle_alpha   90.00
_cell.angle_beta   91.40
_cell.angle_gamma   90.00
#
_symmetry.space_group_name_H-M   'C 1 2 1'
#
loop_
_entity.id
_entity.type
_entity.pdbx_description
1 polymer 'Phosphate regulon transcriptional regulatory protein phoB'
2 polymer 'PHO BOX DNA (STRAND 1)'
3 polymer 'PHO BOX DNA (STRAND 2)'
4 polymer 'RNA polymerase sigma factor rpoD, DNA-directed RNA polymerase subunit beta'
#
loop_
_entity_poly.entity_id
_entity_poly.type
_entity_poly.pdbx_seq_one_letter_code
_entity_poly.pdbx_strand_id
1 'polypeptide(L)'
;VEEVIEMQGLSLDPTSHRVMAGEEPLEMGPTEFKLLHFFMTHPERVYSREQLLNHVWGTNVYVEDRTVDVHIRRLRKALE
PGGHDRMVQTVRGTGYRFSTRF
;
A,B,E,F,I,J,M,N,R,S,V,W,Z,1,4,5,8,9,c,d,g,h,k,l
2 'polydeoxyribonucleotide'
;(DT)(DG)(DG)(DC)(DT)(DG)(DT)(DC)(DA)(DT)(DA)(DA)(DA)(DG)(DT)(DT)(DG)(DT)(DC)(DA)
(DC)(DA)(DA)(DA)(DA)(DG)
;
C,G,K,O,T,X,2,6,a,e,i,m
3 'polydeoxyribonucleotide'
;(DC)(DA)(DC)(DT)(DT)(DT)(DT)(DG)(DT)(DG)(DA)(DC)(DA)(DA)(DC)(DT)(DT)(DT)(DA)(DT)
(DG)(DA)(DC)(DA)(DG)(DC)
;
D,H,L,P,U,Y,3,7,b,f,j,n
4 'polypeptide(L)'
;MDSATTESLRAATHDVLAGLTAREAKVLRMRFGIDMNTDYTLEEVGKQFDVTRERIRQIEAKALRKLRHPSRSEVLRSGS
SGSGTPEEKLLRAIFGEKA
;
o,q
#
# COMPACT_ATOMS: atom_id res chain seq x y z
CA VAL A 1 -37.69 36.73 -69.48
CA GLU A 2 -36.50 33.21 -70.20
CA GLU A 3 -33.31 32.35 -68.39
CA VAL A 4 -34.15 31.22 -64.96
CA ILE A 5 -32.34 33.74 -62.80
CA GLU A 6 -30.40 32.10 -60.04
CA MET A 7 -28.47 33.50 -57.20
CA GLN A 8 -26.98 31.66 -54.31
CA GLY A 9 -29.82 29.20 -53.91
CA LEU A 10 -32.60 31.53 -54.83
CA SER A 11 -33.98 30.88 -58.22
CA LEU A 12 -36.53 32.71 -60.32
CA ASP A 13 -37.78 31.40 -63.60
CA PRO A 14 -39.00 34.50 -65.43
CA THR A 15 -40.91 32.49 -67.93
CA SER A 16 -42.89 30.54 -65.37
CA HIS A 17 -42.80 32.83 -62.40
CA ARG A 18 -41.25 30.02 -60.45
CA VAL A 19 -39.24 31.20 -57.55
CA MET A 20 -37.45 28.49 -55.66
CA ALA A 21 -35.44 28.29 -52.54
CA GLY A 22 -33.11 25.53 -53.56
CA GLU A 23 -35.80 22.93 -54.02
CA GLU A 24 -38.63 24.33 -51.91
CA PRO A 25 -40.52 26.63 -54.21
CA LEU A 26 -41.56 29.92 -52.68
CA GLU A 27 -44.99 31.46 -52.91
CA MET A 28 -45.53 35.21 -53.33
CA GLY A 29 -47.92 37.72 -54.75
CA PRO A 30 -47.34 39.20 -58.18
CA THR A 31 -45.94 42.48 -56.98
CA GLU A 32 -43.87 40.69 -54.46
CA PHE A 33 -42.71 38.79 -57.41
CA LYS A 34 -41.97 41.68 -59.71
CA LEU A 35 -40.13 43.15 -56.82
CA LEU A 36 -37.79 40.26 -56.35
CA HIS A 37 -37.35 40.02 -60.02
CA PHE A 38 -35.99 43.47 -59.86
CA PHE A 39 -33.94 43.13 -56.77
CA MET A 40 -32.19 40.18 -58.20
CA THR A 41 -31.56 41.80 -61.50
CA HIS A 42 -30.11 44.75 -59.60
CA PRO A 43 -28.15 43.27 -56.72
CA GLU A 44 -25.67 44.67 -54.25
CA ARG A 45 -27.07 48.08 -54.95
CA VAL A 46 -29.12 50.27 -52.70
CA TYR A 47 -32.37 51.64 -54.04
CA SER A 48 -34.53 54.34 -52.57
CA ARG A 49 -38.18 53.97 -52.14
CA GLU A 50 -38.96 56.57 -54.75
CA GLN A 51 -36.85 54.59 -57.12
CA LEU A 52 -38.17 51.15 -56.42
CA LEU A 53 -41.58 52.49 -57.10
CA ASN A 54 -40.73 53.82 -60.48
CA HIS A 55 -38.97 50.65 -61.38
CA VAL A 56 -41.56 48.26 -60.10
CA TRP A 57 -44.65 50.36 -60.27
CA GLY A 58 -43.93 51.99 -63.53
CA THR A 59 -44.68 55.22 -61.81
CA ASN A 60 -44.68 56.72 -58.38
CA VAL A 61 -47.67 58.25 -60.17
CA TYR A 62 -49.80 56.83 -57.42
CA VAL A 63 -48.43 54.88 -54.49
CA GLU A 64 -47.28 56.39 -51.22
CA ASP A 65 -43.63 55.76 -50.39
CA ARG A 66 -44.01 53.58 -47.35
CA THR A 67 -46.20 51.24 -49.25
CA VAL A 68 -42.92 49.73 -50.21
CA ASP A 69 -41.96 48.76 -46.68
CA VAL A 70 -45.11 46.76 -46.56
CA HIS A 71 -44.19 44.85 -49.62
CA ILE A 72 -40.65 44.38 -48.45
CA ARG A 73 -42.01 42.47 -45.51
CA ARG A 74 -44.11 40.28 -47.73
CA LEU A 75 -41.15 39.43 -49.84
CA ARG A 76 -38.95 38.74 -46.91
CA LYS A 77 -41.65 36.53 -45.56
CA ALA A 78 -42.07 34.72 -48.80
CA LEU A 79 -38.35 34.34 -48.73
CA GLU A 80 -37.80 33.02 -45.24
CA PRO A 81 -37.29 29.54 -46.59
CA GLY A 82 -33.65 28.90 -47.04
CA GLY A 83 -33.13 32.04 -45.07
CA HIS A 84 -32.88 33.80 -48.38
CA ASP A 85 -35.08 36.48 -46.95
CA ARG A 86 -32.11 37.89 -45.16
CA MET A 87 -30.98 39.06 -48.54
CA VAL A 88 -33.56 41.81 -48.70
CA GLN A 89 -31.53 44.19 -46.57
CA THR A 90 -32.50 47.64 -45.33
CA VAL A 91 -30.08 50.54 -45.58
CA ARG A 92 -31.45 53.03 -43.15
CA GLY A 93 -31.96 56.53 -44.33
CA THR A 94 -31.95 55.49 -47.88
CA GLY A 95 -33.93 52.45 -48.68
CA TYR A 96 -33.69 48.78 -49.41
CA ARG A 97 -31.27 46.69 -51.37
CA PHE A 98 -30.84 43.09 -52.43
CA SER A 99 -27.55 41.43 -51.61
CA THR A 100 -26.13 37.95 -51.54
CA ARG A 101 -24.12 38.76 -48.47
CA PHE A 102 -26.82 38.18 -45.94
CA VAL B 1 -19.68 58.69 -61.36
CA GLU B 2 -19.68 56.01 -58.64
CA GLU B 3 -16.10 55.12 -57.86
CA VAL B 4 -15.57 53.11 -54.73
CA ILE B 5 -13.13 54.58 -52.32
CA GLU B 6 -10.92 52.11 -50.63
CA MET B 7 -8.13 53.27 -48.45
CA GLN B 8 -5.72 51.03 -46.65
CA GLY B 9 -8.25 48.36 -45.74
CA LEU B 10 -11.22 50.59 -45.26
CA SER B 11 -13.65 50.44 -48.06
CA LEU B 12 -16.80 52.41 -48.79
CA ASP B 13 -19.08 51.58 -51.66
CA PRO B 14 -20.90 54.83 -52.42
CA THR B 15 -23.49 53.05 -54.41
CA SER B 16 -24.47 50.64 -51.70
CA HIS B 17 -23.42 52.38 -48.58
CA ARG B 18 -21.20 49.44 -47.82
CA VAL B 19 -18.34 50.25 -45.57
CA MET B 20 -15.98 47.40 -44.97
CA ALA B 21 -13.05 46.73 -42.74
CA GLY B 22 -11.20 44.44 -45.02
CA GLU B 23 -13.84 41.74 -45.01
CA GLU B 24 -15.73 42.56 -41.85
CA PRO B 25 -18.33 45.07 -42.95
CA LEU B 26 -18.82 47.92 -40.58
CA GLU B 27 -22.13 49.19 -39.32
CA MET B 28 -22.79 52.90 -38.83
CA GLY B 29 -25.58 55.44 -38.89
CA PRO B 30 -26.28 57.59 -41.94
CA THR B 31 -24.56 60.68 -40.74
CA GLU B 32 -21.69 58.64 -39.42
CA PHE B 33 -21.59 57.37 -42.90
CA LYS B 34 -21.79 60.66 -44.70
CA LEU B 35 -19.04 61.74 -42.45
CA LEU B 36 -16.63 59.01 -43.30
CA HIS B 37 -17.55 59.45 -46.87
CA PHE B 38 -16.24 62.91 -46.53
CA PHE B 39 -13.25 62.18 -44.43
CA MET B 40 -12.09 59.68 -46.93
CA THR B 41 -12.65 61.90 -49.88
CA HIS B 42 -10.65 64.59 -48.05
CA PRO B 43 -7.79 62.77 -46.31
CA GLU B 44 -4.63 63.89 -44.57
CA ARG B 45 -6.23 67.26 -44.15
CA VAL B 46 -7.39 68.81 -41.00
CA TYR B 47 -10.89 70.20 -40.89
CA SER B 48 -12.42 72.44 -38.34
CA ARG B 49 -15.73 71.73 -36.75
CA GLU B 50 -17.43 74.63 -38.41
CA GLN B 51 -16.22 73.30 -41.67
CA LEU B 52 -17.16 69.69 -41.22
CA LEU B 53 -20.60 70.88 -40.43
CA ASN B 54 -21.01 72.83 -43.63
CA HIS B 55 -19.62 70.00 -45.57
CA VAL B 56 -21.59 67.22 -44.03
CA TRP B 57 -24.59 69.13 -42.75
CA GLY B 58 -25.63 72.33 -44.39
CA THR B 59 -25.38 76.07 -44.66
CA ASN B 60 -27.47 77.39 -41.87
CA VAL B 61 -27.49 74.20 -39.96
CA TYR B 62 -28.80 74.74 -36.50
CA VAL B 63 -26.44 72.31 -34.85
CA GLU B 64 -23.88 73.16 -32.28
CA ASP B 65 -20.21 72.72 -32.94
CA ARG B 66 -19.47 70.02 -30.41
CA THR B 67 -22.18 67.89 -31.86
CA VAL B 68 -19.44 66.82 -34.15
CA ASP B 69 -17.28 65.35 -31.41
CA VAL B 70 -20.11 63.10 -30.55
CA HIS B 71 -20.32 61.86 -34.07
CA ILE B 72 -16.61 61.45 -34.26
CA ARG B 73 -16.85 58.98 -31.44
CA ARG B 74 -19.55 57.03 -33.23
CA LEU B 75 -17.53 56.77 -36.37
CA ARG B 76 -14.42 55.76 -34.47
CA LYS B 77 -16.50 53.19 -32.74
CA ALA B 78 -18.01 51.98 -35.90
CA LEU B 79 -14.47 51.85 -37.15
CA GLU B 80 -12.75 49.94 -34.35
CA PRO B 81 -12.68 46.81 -36.42
CA GLY B 82 -9.42 46.50 -38.18
CA GLY B 83 -8.38 49.31 -35.93
CA HIS B 84 -9.23 51.63 -38.79
CA ASP B 85 -10.79 53.86 -36.24
CA ARG B 86 -7.40 55.16 -35.33
CA MET B 87 -7.57 57.01 -38.59
CA VAL B 88 -10.03 59.52 -37.33
CA GLN B 89 -7.41 61.64 -35.63
CA THR B 90 -7.98 64.72 -33.51
CA VAL B 91 -5.81 67.80 -34.05
CA ARG B 92 -6.23 69.70 -30.87
CA GLY B 93 -7.22 73.31 -31.13
CA THR B 94 -8.41 72.93 -34.64
CA GLY B 95 -10.51 69.92 -35.26
CA TYR B 96 -10.48 66.46 -36.70
CA ARG B 97 -8.92 64.92 -39.69
CA PHE B 98 -8.81 61.61 -41.47
CA SER B 99 -5.42 60.11 -42.08
CA THR B 100 -4.04 56.75 -43.19
CA ARG B 101 -1.07 57.15 -40.89
CA PHE B 102 -2.73 55.97 -37.73
CA VAL E 1 12.67 -71.18 75.33
CA GLU E 2 8.96 -71.07 75.89
CA GLU E 3 7.42 -74.51 75.97
CA VAL E 4 7.78 -75.91 79.39
CA ILE E 5 9.82 -79.07 78.83
CA GLU E 6 8.41 -82.06 80.60
CA MET E 7 9.64 -85.56 81.00
CA GLN E 8 8.26 -88.27 83.17
CA GLY E 9 7.47 -86.00 86.06
CA LEU E 10 10.35 -83.67 85.72
CA SER E 11 9.38 -80.33 84.30
CA LEU E 12 11.40 -77.34 83.21
CA ASP E 13 9.85 -74.07 82.12
CA PRO E 14 12.49 -72.46 79.95
CA THR E 15 10.84 -69.10 80.08
CA SER E 16 10.73 -68.96 83.84
CA HIS E 17 13.52 -71.28 84.83
CA ARG E 18 11.02 -73.28 86.78
CA VAL E 19 12.05 -76.86 87.29
CA MET E 20 9.52 -79.01 89.02
CA ALA E 21 9.43 -82.50 90.32
CA GLY E 22 5.77 -83.17 89.73
CA GLU E 23 4.53 -80.45 91.99
CA GLU E 24 7.52 -79.90 94.27
CA PRO E 25 9.62 -77.33 92.49
CA LEU E 26 13.32 -78.04 92.56
CA GLU E 27 16.02 -75.55 93.39
CA MET E 28 19.34 -75.45 91.60
CA GLY E 29 22.08 -73.12 90.60
CA PRO E 30 22.12 -71.57 87.15
CA THR E 31 24.70 -73.91 85.74
CA GLU E 32 23.04 -76.83 87.34
CA PHE E 33 20.05 -75.50 85.54
CA LYS E 34 21.57 -75.03 82.16
CA LEU E 35 22.89 -78.51 82.60
CA LEU E 36 19.57 -80.13 83.12
CA HIS E 37 18.13 -78.05 80.38
CA PHE E 38 20.56 -79.72 78.17
CA PHE E 39 20.32 -83.22 79.51
CA MET E 40 16.64 -83.14 79.00
CA THR E 41 16.80 -81.75 75.56
CA HIS E 42 19.30 -84.52 74.80
CA PRO E 43 18.04 -87.64 76.55
CA GLU E 44 18.92 -91.32 76.42
CA ARG E 45 22.23 -90.34 75.00
CA VAL E 46 25.62 -90.58 76.61
CA TYR E 47 27.77 -87.48 76.64
CA SER E 48 31.41 -87.21 77.52
CA ARG E 49 32.75 -84.69 79.85
CA GLU E 50 34.55 -82.81 77.14
CA GLN E 51 31.27 -82.57 75.32
CA LEU E 52 29.08 -81.49 78.11
CA LEU E 53 31.45 -78.68 78.72
CA ASN E 54 31.25 -77.35 75.23
CA HIS E 55 27.53 -77.60 75.20
CA VAL E 56 26.93 -76.11 78.55
CA TRP E 57 29.97 -73.98 79.01
CA GLY E 58 30.13 -72.68 75.54
CA THR E 59 33.71 -73.73 75.63
CA ASN E 60 36.01 -76.18 77.38
CA VAL E 61 38.04 -73.00 76.87
CA TYR E 62 38.51 -72.94 80.60
CA VAL E 63 37.11 -75.57 82.92
CA GLU E 64 38.90 -78.78 83.97
CA ASP E 65 37.07 -81.97 83.02
CA ARG E 66 36.23 -83.31 86.41
CA THR E 67 34.57 -80.07 87.27
CA VAL E 68 31.63 -81.69 85.64
CA ASP E 69 31.43 -84.55 88.14
CA VAL E 70 31.05 -81.94 90.77
CA HIS E 71 28.15 -80.36 89.01
CA ILE E 72 26.60 -83.71 88.29
CA ARG E 73 26.38 -84.30 91.98
CA ARG E 74 24.73 -80.93 92.50
CA LEU E 75 22.15 -81.66 89.88
CA ARG E 76 21.50 -85.12 91.18
CA LYS E 77 21.11 -83.61 94.58
CA ALA E 78 18.80 -80.91 93.32
CA LEU E 79 16.93 -83.70 91.66
CA GLU E 80 16.60 -86.17 94.51
CA PRO E 81 12.99 -85.15 94.94
CA GLY E 82 10.79 -87.50 93.07
CA GLY E 83 13.84 -89.65 92.73
CA HIS E 84 14.29 -87.97 89.41
CA ASP E 85 17.93 -87.65 90.27
CA ARG E 86 18.42 -91.27 89.38
CA MET E 87 17.98 -90.13 85.83
CA VAL E 88 21.37 -88.51 85.74
CA GLN E 89 23.19 -91.77 85.10
CA THR E 90 26.91 -92.38 84.85
CA VAL E 91 28.33 -94.49 82.08
CA ARG E 92 31.74 -95.41 83.32
CA GLY E 93 34.62 -94.80 81.09
CA THR E 94 32.69 -92.36 79.02
CA GLY E 95 30.67 -89.88 80.90
CA TYR E 96 27.19 -89.02 81.98
CA ARG E 97 23.83 -89.27 80.35
CA PHE E 98 20.24 -88.35 81.08
CA SER E 99 17.69 -91.10 80.78
CA THR E 100 14.13 -91.68 81.77
CA ARG E 101 14.88 -95.30 82.56
CA PHE E 102 16.24 -94.80 86.01
CA VAL F 1 26.57 -93.18 62.00
CA GLU F 2 24.94 -94.46 65.18
CA GLU F 3 22.73 -97.38 64.27
CA VAL F 4 21.53 -99.45 67.16
CA ILE F 5 22.25 -103.14 66.91
CA GLU F 6 19.53 -105.35 68.11
CA MET F 7 19.78 -109.06 67.66
CA GLN F 8 17.21 -111.56 68.74
CA GLY F 9 16.30 -109.80 71.94
CA LEU F 10 19.67 -108.44 72.79
CA SER F 11 19.98 -104.78 72.14
CA LEU F 12 22.92 -102.42 72.34
CA ASP F 13 22.56 -98.68 71.89
CA PRO F 14 26.00 -97.53 70.78
CA THR F 15 25.17 -93.95 71.54
CA SER F 16 24.23 -94.59 75.10
CA HIS F 17 25.98 -97.80 75.95
CA ARG F 18 22.64 -99.30 76.71
CA VAL F 19 22.57 -103.03 76.44
CA MET F 20 19.20 -104.55 76.96
CA ALA F 21 17.83 -108.03 77.33
CA GLY F 22 14.48 -107.38 75.81
CA GLU F 23 13.37 -104.92 78.45
CA GLU F 24 15.71 -105.84 81.30
CA PRO F 25 18.78 -103.75 80.70
CA LEU F 26 22.02 -105.57 81.32
CA GLU F 27 24.91 -104.31 83.35
CA MET F 28 28.50 -104.90 82.31
CA GLY F 29 31.92 -103.36 82.54
CA PRO F 30 33.34 -101.24 79.74
CA THR F 31 35.49 -103.91 78.25
CA GLU F 32 32.76 -106.46 78.63
CA PHE F 33 30.79 -103.93 76.71
CA LYS F 34 33.25 -103.25 74.01
CA LEU F 35 33.46 -106.96 73.66
CA LEU F 36 29.81 -107.56 73.08
CA HIS F 37 29.74 -104.60 70.82
CA PHE F 38 32.18 -106.48 68.76
CA PHE F 39 30.69 -109.89 69.04
CA MET F 40 27.44 -108.52 67.83
CA THR F 41 28.86 -106.61 64.99
CA HIS F 42 30.69 -109.82 63.99
CA PRO F 43 28.24 -112.68 64.57
CA GLU F 44 28.18 -116.34 63.63
CA ARG F 45 31.89 -116.17 63.21
CA VAL F 46 34.51 -117.76 65.33
CA TYR F 47 37.32 -115.59 66.59
CA SER F 48 40.55 -116.66 68.15
CA ARG F 49 41.84 -115.20 71.33
CA GLU F 50 44.71 -113.46 69.68
CA GLN F 51 42.21 -111.86 67.35
CA LEU F 52 39.68 -110.76 69.85
CA LEU F 53 42.46 -109.03 71.65
CA ASN F 54 43.55 -107.00 68.68
CA HIS F 55 40.02 -106.12 67.90
CA VAL F 56 38.93 -105.17 71.31
CA TRP F 57 42.23 -104.26 72.91
CA GLY F 58 45.04 -103.06 70.79
CA THR F 59 48.06 -103.82 68.71
CA ASN F 60 50.82 -104.46 71.17
CA VAL F 61 48.56 -105.08 74.03
CA TYR F 62 50.47 -106.57 76.91
CA VAL F 63 47.71 -108.88 77.98
CA GLU F 64 47.88 -112.63 78.07
CA ASP F 65 45.67 -114.73 75.91
CA ARG F 66 43.64 -116.41 78.57
CA THR F 67 42.71 -113.07 79.95
CA VAL F 68 39.99 -113.29 77.40
CA ASP F 69 38.40 -116.38 78.90
CA VAL F 70 37.98 -114.46 82.04
CA HIS F 71 36.17 -111.70 80.22
CA ILE F 72 34.08 -114.15 78.34
CA ARG F 73 32.75 -115.37 81.63
CA ARG F 74 31.90 -111.83 82.67
CA LEU F 75 29.99 -111.13 79.51
CA ARG F 76 28.17 -114.43 79.71
CA LYS F 77 27.34 -113.58 83.21
CA ALA F 78 26.23 -110.11 82.33
CA LEU F 79 24.21 -111.81 79.65
CA GLU F 80 22.46 -114.53 81.64
CA PRO F 81 19.26 -112.56 81.58
CA GLY F 82 17.07 -113.66 78.78
CA GLY F 83 19.54 -116.50 78.53
CA HIS F 84 21.22 -114.43 75.87
CA ASP F 85 24.46 -115.47 77.44
CA ARG F 86 24.24 -118.78 75.72
CA MET F 87 25.09 -116.85 72.63
CA VAL F 88 28.68 -116.43 73.64
CA GLN F 89 29.69 -119.89 72.49
CA THR F 90 33.10 -121.52 72.85
CA VAL F 91 34.59 -123.36 69.91
CA ARG F 92 37.19 -125.57 71.49
CA GLY F 93 40.66 -125.42 70.14
CA THR F 94 40.04 -122.14 68.45
CA GLY F 95 38.26 -119.59 70.50
CA TYR F 96 34.96 -117.94 71.08
CA ARG F 97 32.21 -116.75 68.86
CA PHE F 98 28.91 -114.96 69.08
CA SER F 99 25.91 -116.68 67.59
CA THR F 100 22.15 -116.26 67.64
CA ARG F 101 21.69 -120.01 67.54
CA PHE F 102 22.21 -120.71 71.20
CA VAL I 1 -11.38 53.02 25.56
CA GLU I 2 -7.73 52.67 24.71
CA GLU I 3 -7.16 50.38 21.80
CA VAL I 4 -7.61 52.34 18.67
CA ILE I 5 -10.46 50.52 16.96
CA GLU I 6 -9.75 49.85 13.36
CA MET I 7 -11.83 48.39 10.66
CA GLN I 8 -11.04 48.22 7.04
CA GLY I 9 -9.44 51.64 6.83
CA LEU I 10 -11.63 53.38 9.28
CA SER I 11 -9.91 53.99 12.53
CA LEU I 12 -11.15 55.34 15.79
CA ASP I 13 -8.88 56.04 18.70
CA PRO I 14 -11.16 55.88 21.70
CA THR I 15 -8.66 57.57 23.89
CA SER I 16 -8.21 60.58 21.65
CA HIS I 17 -11.44 60.65 19.71
CA ARG I 18 -9.41 60.44 16.59
CA VAL I 19 -11.31 58.99 13.74
CA MET I 20 -9.31 58.52 10.62
CA ALA I 21 -10.04 57.49 7.15
CA GLY I 22 -6.77 55.79 6.43
CA GLU I 23 -4.66 58.89 6.89
CA GLU I 24 -7.20 61.69 6.37
CA PRO I 25 -8.68 62.25 9.75
CA LEU I 26 -12.41 62.74 9.76
CA GLU I 27 -14.27 65.47 11.56
CA MET I 28 -17.58 64.88 13.28
CA GLY I 29 -19.67 66.07 16.10
CA PRO I 30 -19.58 64.26 19.43
CA THR I 31 -22.79 62.38 18.94
CA GLU I 32 -21.84 61.57 15.47
CA PHE I 33 -18.78 60.23 17.11
CA LYS I 34 -20.38 58.19 19.83
CA LEU I 35 -22.55 56.80 17.13
CA LEU I 36 -19.74 55.52 15.04
CA HIS I 37 -18.02 54.23 18.08
CA PHE I 38 -21.00 52.07 18.58
CA PHE I 39 -21.57 51.04 15.07
CA MET I 40 -18.06 49.83 14.86
CA THR I 41 -18.13 47.97 18.07
CA HIS I 42 -21.33 46.32 16.85
CA PRO I 43 -20.81 45.60 13.19
CA GLU I 44 -22.65 43.55 10.63
CA ARG I 45 -25.67 43.76 12.79
CA VAL I 46 -28.87 45.65 12.14
CA TYR I 47 -30.10 47.98 14.81
CA SER I 48 -33.45 49.66 15.05
CA ARG I 49 -33.87 53.28 15.74
CA GLU I 50 -35.32 52.66 19.12
CA GLN I 51 -32.26 50.61 19.92
CA LEU I 52 -29.64 52.93 18.64
CA LEU I 53 -31.12 55.60 20.78
CA ASN I 54 -30.86 53.58 23.92
CA HIS I 55 -27.36 52.55 23.15
CA VAL I 56 -26.12 55.94 22.11
CA TRP I 57 -28.43 58.22 23.93
CA GLY I 58 -28.52 56.29 27.09
CA THR I 59 -32.22 56.57 26.82
CA ASN I 60 -34.94 57.04 24.24
CA VAL I 61 -36.09 58.97 27.28
CA TYR I 62 -36.22 62.04 25.09
CA VAL I 63 -35.38 62.03 21.41
CA GLU I 64 -37.86 61.38 18.62
CA ASP I 65 -37.04 58.35 16.51
CA ARG I 66 -36.31 60.06 13.24
CA THR I 67 -33.80 62.24 14.91
CA VAL I 68 -31.53 59.33 14.23
CA ASP I 69 -31.88 59.60 10.47
CA VAL I 70 -30.62 63.11 10.75
CA HIS I 71 -27.55 61.97 12.58
CA ILE I 72 -27.01 59.10 10.25
CA ARG I 73 -26.66 61.62 7.47
CA ARG I 74 -24.14 63.62 9.44
CA LEU I 75 -22.07 60.54 10.10
CA ARG I 76 -22.26 59.40 6.56
CA LYS I 77 -21.20 62.87 5.53
CA ALA I 78 -18.37 62.92 7.99
CA LEU I 79 -17.46 59.56 6.61
CA GLU I 80 -17.55 60.29 2.91
CA PRO I 81 -13.79 60.39 2.84
CA GLY I 82 -12.46 57.05 1.87
CA GLY I 83 -16.00 56.23 0.93
CA HIS I 84 -16.25 54.69 4.34
CA ASP I 85 -19.58 56.39 4.64
CA ARG I 86 -21.09 53.68 2.53
CA MET I 87 -20.65 51.45 5.53
CA VAL I 88 -23.49 53.10 7.36
CA GLN I 89 -26.16 51.10 5.57
CA THR I 90 -29.91 51.40 5.86
CA VAL I 91 -32.06 48.30 6.21
CA ARG I 92 -35.48 49.52 5.28
CA GLY I 93 -38.26 48.78 7.59
CA THR I 94 -35.93 48.13 10.41
CA GLY I 95 -33.18 50.61 10.82
CA TYR I 96 -29.53 51.16 10.23
CA ARG I 97 -26.49 48.97 10.53
CA PHE I 98 -22.74 49.25 10.20
CA SER I 99 -21.05 46.83 7.89
CA THR I 100 -17.69 46.46 6.26
CA ARG I 101 -19.32 45.14 3.16
CA PHE I 102 -20.21 48.45 1.60
CA VAL J 1 -31.89 32.94 19.54
CA GLU J 2 -30.35 34.21 16.32
CA GLU J 3 -29.18 31.20 14.37
CA VAL J 4 -28.30 31.91 10.81
CA ILE J 5 -30.07 29.74 8.32
CA GLU J 6 -27.98 28.65 5.48
CA MET J 7 -29.32 26.20 3.03
CA GLN J 8 -27.46 24.88 0.09
CA GLY J 9 -25.73 28.14 -0.77
CA LEU J 10 -28.47 30.50 0.23
CA SER J 11 -27.79 32.22 3.43
CA LEU J 12 -29.89 34.55 5.51
CA ASP J 13 -28.54 36.29 8.54
CA PRO J 14 -31.59 37.03 10.63
CA THR J 15 -29.71 39.50 12.69
CA SER J 16 -28.59 41.62 9.82
CA HIS J 17 -31.08 40.88 7.14
CA ARG J 18 -28.24 39.69 5.02
CA VAL J 19 -29.28 37.27 2.39
CA MET J 20 -26.44 35.88 0.40
CA ALA J 21 -26.08 33.77 -2.64
CA GLY J 22 -22.88 32.08 -1.69
CA GLU J 23 -20.83 35.27 -1.70
CA GLU J 24 -22.99 37.55 -3.85
CA PRO J 25 -25.38 39.14 -1.44
CA LEU J 26 -28.91 39.41 -2.69
CA GLU J 27 -31.08 42.49 -2.59
CA MET J 28 -34.77 42.30 -1.84
CA GLY J 29 -37.58 44.29 -0.32
CA PRO J 30 -38.64 43.75 3.27
CA THR J 31 -41.61 41.59 2.54
CA GLU J 32 -39.68 39.67 -0.02
CA PHE J 33 -37.31 39.15 2.79
CA LYS J 34 -39.77 38.10 5.38
CA LEU J 35 -41.06 35.71 2.86
CA LEU J 36 -37.83 33.94 2.24
CA HIS J 37 -37.17 33.91 5.87
CA PHE J 38 -40.27 31.87 6.15
CA PHE J 39 -39.79 29.68 3.20
CA MET J 40 -36.43 28.68 4.49
CA THR J 41 -37.57 27.98 7.94
CA HIS J 42 -40.33 25.82 6.46
CA PRO J 43 -38.75 23.95 3.57
CA GLU J 44 -39.85 21.05 1.42
CA ARG J 45 -43.37 21.81 2.39
CA VAL J 46 -46.08 23.22 0.24
CA TYR J 47 -48.00 26.21 1.49
CA SER J 48 -51.20 27.66 0.19
CA ARG J 49 -51.65 31.31 -0.54
CA GLU J 50 -54.06 31.83 2.24
CA GLN J 51 -51.49 30.30 4.53
CA LEU J 52 -48.49 32.19 3.39
CA LEU J 53 -50.45 35.34 3.96
CA ASN J 54 -51.24 34.53 7.53
CA HIS J 55 -47.72 33.49 8.15
CA VAL J 56 -46.01 36.40 6.52
CA TRP J 57 -48.72 39.06 6.70
CA GLY J 58 -51.28 38.87 9.37
CA THR J 59 -54.62 37.62 10.57
CA ASN J 60 -57.14 39.89 8.95
CA VAL J 61 -54.85 41.13 6.33
CA TYR J 62 -56.76 43.00 3.67
CA VAL J 63 -54.68 41.73 0.84
CA GLU J 64 -55.90 39.66 -2.00
CA ASP J 65 -54.64 36.14 -2.52
CA ARG J 66 -52.88 36.68 -5.78
CA THR J 67 -50.89 39.46 -4.30
CA VAL J 68 -48.66 36.63 -3.25
CA ASP J 69 -47.86 35.57 -6.76
CA VAL J 70 -46.56 39.00 -7.37
CA HIS J 71 -44.25 38.74 -4.44
CA ILE J 72 -43.17 35.28 -5.39
CA ARG J 73 -41.89 36.76 -8.60
CA ARG J 74 -39.94 39.42 -6.73
CA LEU J 75 -38.29 36.87 -4.49
CA ARG J 76 -37.47 34.60 -7.37
CA LYS J 77 -36.06 37.60 -9.08
CA ALA J 78 -34.11 38.64 -6.09
CA LEU J 79 -32.97 35.05 -5.97
CA GLU J 80 -31.86 34.51 -9.53
CA PRO J 81 -28.25 34.78 -8.50
CA GLY J 82 -26.80 31.38 -7.88
CA GLY J 83 -29.98 30.18 -9.47
CA HIS J 84 -31.29 29.78 -5.98
CA ASP J 85 -34.50 31.25 -7.27
CA ARG J 86 -35.42 27.91 -8.69
CA MET J 87 -36.03 26.89 -5.15
CA VAL J 88 -39.21 28.87 -4.93
CA GLN J 89 -41.30 26.22 -6.64
CA THR J 90 -44.96 26.45 -7.58
CA VAL J 91 -47.24 23.50 -6.85
CA ARG J 92 -50.16 24.12 -9.12
CA GLY J 93 -53.58 24.09 -7.62
CA THR J 94 -52.24 24.53 -4.18
CA GLY J 95 -49.59 27.16 -3.85
CA TYR J 96 -45.91 27.68 -3.49
CA ARG J 97 -43.20 25.93 -1.59
CA PHE J 98 -39.53 26.27 -0.89
CA SER J 99 -37.34 23.31 -1.70
CA THR J 100 -33.63 22.59 -1.99
CA ARG J 101 -34.27 20.18 -4.80
CA PHE J 102 -34.56 22.75 -7.56
CA VAL M 1 -35.50 15.25 52.05
CA GLU M 2 -34.26 13.53 48.97
CA GLU M 3 -30.55 12.96 49.03
CA VAL M 4 -29.84 9.79 50.89
CA ILE M 5 -27.66 10.98 53.74
CA GLU M 6 -24.62 8.82 54.23
CA MET M 7 -21.93 8.83 56.78
CA GLN M 8 -19.21 6.28 57.30
CA GLY M 9 -21.34 3.26 56.56
CA LEU M 10 -24.52 4.53 58.01
CA SER M 11 -27.03 5.58 55.44
CA LEU M 12 -30.39 7.28 55.68
CA ASP M 13 -32.66 7.84 52.73
CA PRO M 14 -34.86 10.76 53.73
CA THR M 15 -37.31 10.11 51.02
CA SER M 16 -37.89 6.48 51.95
CA HIS M 17 -36.94 6.42 55.58
CA ARG M 18 -34.41 3.75 54.78
CA VAL M 19 -31.60 3.57 57.22
CA MET M 20 -28.90 1.10 56.39
CA ALA M 21 -25.83 -0.19 58.08
CA GLY M 22 -23.76 -0.79 55.04
CA GLU M 23 -26.08 -3.35 53.54
CA GLU M 24 -28.00 -4.58 56.56
CA PRO M 25 -30.90 -2.19 56.83
CA LEU M 26 -31.66 -1.07 60.32
CA GLU M 27 -35.07 -1.01 61.89
CA MET M 28 -36.19 1.78 64.18
CA GLY M 29 -39.23 3.62 65.33
CA PRO M 30 -40.23 6.94 63.75
CA THR M 31 -38.88 9.10 66.49
CA GLU M 32 -35.79 7.03 66.68
CA PHE M 33 -35.64 7.81 63.07
CA LYS M 34 -36.21 11.54 63.20
CA LEU M 35 -33.59 11.55 65.84
CA LEU M 36 -30.93 9.97 63.79
CA HIS M 37 -31.91 12.14 60.93
CA PHE M 38 -31.02 15.04 63.05
CA PHE M 39 -27.92 13.67 64.61
CA MET M 40 -26.53 12.98 61.27
CA THR M 41 -27.43 16.34 59.85
CA HIS M 42 -25.74 17.87 62.88
CA PRO M 43 -22.63 15.77 63.55
CA GLU M 44 -19.59 16.18 65.73
CA ARG M 45 -21.56 18.59 67.78
CA VAL M 46 -22.83 18.14 71.26
CA TYR M 47 -26.47 18.80 71.88
CA SER M 48 -28.20 19.13 75.16
CA ARG M 49 -31.32 17.31 75.99
CA GLU M 50 -33.37 20.49 76.00
CA GLN M 51 -32.12 21.20 72.56
CA LEU M 52 -32.63 17.81 71.06
CA LEU M 53 -36.18 18.00 72.16
CA ASN M 54 -36.87 21.28 70.45
CA HIS M 55 -35.23 20.13 67.34
CA VAL M 56 -36.79 16.72 67.20
CA TRP M 57 -39.95 17.26 69.10
CA GLY M 58 -40.76 20.64 67.72
CA THR M 59 -41.17 21.70 71.25
CA ASN M 60 -40.01 20.75 74.70
CA VAL M 61 -43.63 21.89 75.04
CA TYR M 62 -44.33 18.47 76.50
CA VAL M 63 -41.69 15.78 77.00
CA GLU M 64 -39.56 15.33 80.12
CA ASP M 65 -35.84 15.67 79.54
CA ARG M 66 -34.73 12.13 80.33
CA THR M 67 -37.18 10.79 77.88
CA VAL M 68 -34.37 11.41 75.51
CA ASP M 69 -32.00 8.94 77.19
CA VAL M 70 -34.58 6.30 76.60
CA HIS M 71 -34.70 7.07 72.96
CA ILE M 72 -30.96 7.26 72.75
CA ARG M 73 -30.82 3.63 73.86
CA ARG M 74 -33.34 2.63 71.25
CA LEU M 75 -31.35 4.30 68.56
CA ARG M 76 -28.11 2.84 69.75
CA LYS M 77 -29.79 -0.54 69.81
CA ALA M 78 -31.21 -0.07 66.38
CA LEU M 79 -27.74 0.92 65.40
CA GLU M 80 -25.73 -1.93 66.92
CA PRO M 81 -25.34 -3.49 63.54
CA GLY M 82 -22.13 -2.41 62.04
CA GLY M 83 -21.27 -1.11 65.43
CA HIS M 84 -22.55 2.23 64.18
CA ASP M 85 -24.33 2.57 67.44
CA ARG M 86 -21.10 3.57 69.03
CA MET M 87 -21.51 6.83 67.17
CA VAL M 88 -24.27 8.01 69.42
CA GLN M 89 -21.89 9.21 72.10
CA THR M 90 -22.72 10.63 75.46
CA VAL M 91 -20.96 13.74 76.72
CA ARG M 92 -21.57 13.64 80.38
CA GLY M 93 -22.93 16.71 81.97
CA THR M 94 -24.16 18.08 78.75
CA GLY M 95 -25.91 15.64 76.57
CA TYR M 96 -25.52 13.49 73.55
CA ARG M 97 -23.82 13.97 70.27
CA PHE M 98 -23.40 12.14 67.04
CA SER M 99 -19.88 11.59 65.84
CA THR M 100 -18.12 9.51 63.30
CA ARG M 101 -15.20 8.98 65.61
CA PHE M 102 -16.61 6.10 67.58
CA VAL N 1 -19.94 31.10 70.20
CA GLU N 2 -18.18 27.70 70.32
CA GLU N 3 -14.54 28.26 69.60
CA VAL N 4 -12.28 25.31 70.37
CA ILE N 5 -9.40 26.09 72.62
CA GLU N 6 -6.21 24.39 71.73
CA MET N 7 -3.06 25.23 73.54
CA GLN N 8 0.30 23.72 72.87
CA GLY N 9 -0.95 20.20 72.19
CA LEU N 10 -3.79 20.17 74.59
CA SER N 11 -7.12 20.56 72.95
CA LEU N 12 -10.60 20.92 74.34
CA ASP N 13 -13.67 20.93 72.17
CA PRO N 14 -16.27 22.82 74.18
CA THR N 15 -19.04 21.54 72.04
CA SER N 16 -18.20 17.89 72.52
CA HIS N 17 -16.26 17.82 75.72
CA ARG N 18 -13.39 16.33 73.86
CA VAL N 19 -10.07 16.91 75.48
CA MET N 20 -7.16 15.63 73.54
CA ALA N 21 -3.48 15.23 74.12
CA GLY N 22 -2.39 15.74 70.62
CA GLU N 23 -4.13 12.66 69.29
CA GLU N 24 -4.57 10.60 72.45
CA PRO N 25 -7.84 11.81 73.84
CA LEU N 26 -7.82 12.25 77.55
CA GLU N 27 -10.39 10.95 79.92
CA MET N 28 -11.52 12.96 82.88
CA GLY N 29 -14.52 13.52 85.07
CA PRO N 30 -16.91 16.43 84.48
CA THR N 31 -15.52 18.69 87.10
CA GLU N 32 -12.02 17.82 86.12
CA PHE N 33 -13.21 18.92 82.78
CA LYS N 34 -14.85 22.15 83.76
CA LEU N 35 -11.68 22.89 85.56
CA LEU N 36 -9.40 22.52 82.66
CA HIS N 37 -11.85 24.43 80.60
CA PHE N 38 -11.27 27.25 82.92
CA PHE N 39 -7.59 26.90 83.37
CA MET N 40 -7.18 27.08 79.69
CA THR N 41 -9.41 30.04 79.19
CA HIS N 42 -7.42 31.79 81.93
CA PRO N 43 -3.78 30.82 81.40
CA GLU N 44 -0.50 32.05 82.80
CA ARG N 45 -2.39 33.45 85.67
CA VAL N 46 -2.34 32.23 89.18
CA TYR N 47 -5.64 31.57 90.84
CA SER N 48 -6.32 31.01 94.45
CA ARG N 49 -8.34 28.15 95.71
CA GLU N 50 -11.15 30.35 96.82
CA GLN N 51 -11.27 31.80 93.36
CA LEU N 52 -11.14 28.60 91.44
CA LEU N 53 -14.05 27.43 93.43
CA ASN N 54 -16.23 30.42 92.57
CA HIS N 55 -15.28 30.16 89.02
CA VAL N 56 -15.74 26.46 88.61
CA TRP N 57 -18.18 25.72 91.37
CA GLY N 58 -20.48 28.42 92.54
CA THR N 59 -21.15 31.31 94.83
CA ASN N 60 -22.01 29.72 98.10
CA VAL N 61 -20.53 26.41 97.31
CA TYR N 62 -20.27 24.24 100.38
CA VAL N 63 -16.98 22.68 99.47
CA GLU N 64 -13.78 22.97 101.37
CA ASP N 65 -10.78 24.68 99.94
CA ARG N 66 -8.47 21.70 99.77
CA THR N 67 -11.02 19.81 97.82
CA VAL N 68 -9.42 21.58 94.96
CA ASP N 69 -6.03 19.97 95.50
CA VAL N 70 -7.65 16.64 95.13
CA HIS N 71 -9.12 17.66 91.84
CA ILE N 72 -5.89 19.16 90.73
CA ARG N 73 -4.35 15.72 91.11
CA ARG N 74 -7.09 14.16 89.04
CA LEU N 75 -6.65 16.65 86.25
CA ARG N 76 -2.90 16.27 86.33
CA LYS N 77 -3.42 12.57 86.23
CA ALA N 78 -5.89 12.82 83.44
CA LEU N 79 -3.31 15.03 81.81
CA GLU N 80 -0.19 12.87 82.19
CA PRO N 81 -0.40 11.89 78.60
CA GLY N 82 1.75 14.12 76.53
CA GLY N 83 3.07 15.29 79.82
CA HIS N 84 0.59 18.13 79.51
CA ASP N 85 -0.11 17.57 83.13
CA ARG N 86 2.97 19.47 84.00
CA MET N 87 1.01 22.53 82.96
CA VAL N 88 -1.12 22.48 86.01
CA GLN N 89 1.49 24.18 88.16
CA THR N 90 1.29 24.88 91.84
CA VAL N 91 2.31 28.32 93.13
CA ARG N 92 2.95 27.67 96.74
CA GLY N 93 1.23 29.90 99.18
CA THR N 94 -1.28 31.08 96.66
CA GLY N 95 -2.76 28.38 94.57
CA TYR N 96 -2.65 26.78 91.22
CA ARG N 97 -2.29 28.09 87.76
CA PHE N 98 -2.30 26.83 84.26
CA SER N 99 0.70 27.64 82.17
CA THR N 100 2.12 26.54 78.87
CA ARG N 101 5.63 26.86 80.21
CA PHE N 102 5.82 23.50 81.98
CA VAL Q 1 1.85 -24.25 49.80
CA GLU Q 2 -0.62 -26.35 47.89
CA GLU Q 3 -3.67 -24.40 46.85
CA VAL Q 4 -2.92 -22.57 43.70
CA ILE Q 5 -3.41 -18.93 44.66
CA GLU Q 6 -5.49 -17.02 42.17
CA MET Q 7 -6.43 -13.43 41.91
CA GLN Q 8 -8.16 -11.69 39.09
CA GLY Q 9 -6.39 -13.58 36.37
CA LEU Q 10 -3.08 -13.93 38.05
CA SER Q 11 -2.44 -17.39 39.33
CA LEU Q 12 0.35 -18.85 41.42
CA ASP Q 13 0.65 -22.54 42.19
CA PRO Q 14 2.71 -22.68 45.35
CA THR Q 15 3.43 -26.34 44.96
CA SER Q 16 4.83 -25.99 41.49
CA HIS Q 17 5.94 -22.39 41.39
CA ARG Q 18 3.69 -21.88 38.44
CA VAL Q 19 2.61 -18.32 37.99
CA MET Q 20 0.17 -17.74 35.20
CA ALA Q 21 -1.39 -14.75 33.59
CA GLY Q 22 -4.68 -16.33 32.67
CA GLU Q 23 -3.20 -18.94 30.41
CA GLU Q 24 0.16 -17.41 29.52
CA PRO Q 25 2.49 -18.57 32.23
CA LEU Q 26 4.84 -15.91 33.51
CA GLU Q 27 8.54 -16.31 34.04
CA MET Q 28 10.37 -14.79 36.96
CA GLY Q 29 13.34 -15.29 39.17
CA PRO Q 30 12.96 -17.02 42.52
CA THR Q 31 13.01 -13.86 44.54
CA GLU Q 32 10.73 -12.18 42.12
CA PHE Q 33 8.62 -15.19 42.78
CA LYS Q 34 8.74 -15.19 46.51
CA LEU Q 35 7.90 -11.54 46.25
CA LEU Q 36 4.74 -12.00 44.33
CA HIS Q 37 3.83 -14.89 46.51
CA PHE Q 38 3.86 -12.47 49.29
CA PHE Q 39 2.20 -9.57 47.60
CA MET Q 40 -0.65 -11.76 46.67
CA THR Q 41 -1.02 -13.28 50.05
CA HIS Q 42 -1.05 -9.73 51.40
CA PRO Q 43 -3.08 -7.64 48.97
CA GLU Q 44 -4.57 -4.16 49.03
CA ARG Q 45 -2.10 -3.30 51.71
CA VAL Q 46 0.85 -0.98 51.50
CA TYR Q 47 4.20 -2.31 52.62
CA SER Q 48 7.35 -0.37 53.24
CA ARG Q 49 10.64 -1.37 51.88
CA GLU Q 50 12.02 -2.26 55.25
CA GLN Q 51 9.06 -4.55 55.70
CA LEU Q 52 9.10 -6.27 52.40
CA LEU Q 53 12.66 -7.15 53.07
CA ASN Q 54 11.97 -8.83 56.33
CA HIS Q 55 9.08 -10.70 54.91
CA VAL Q 56 10.73 -11.81 51.77
CA TRP Q 57 14.34 -11.78 52.74
CA GLY Q 58 13.91 -13.23 56.12
CA THR Q 59 15.98 -10.36 57.30
CA ASN Q 60 16.93 -6.83 56.31
CA VAL Q 61 20.04 -8.36 57.88
CA TYR Q 62 21.81 -7.63 54.65
CA VAL Q 63 20.15 -5.95 51.69
CA GLU Q 64 20.03 -2.18 51.06
CA ASP Q 65 16.53 -0.72 50.91
CA ARG Q 66 16.42 0.37 47.32
CA THR Q 67 17.36 -3.08 46.25
CA VAL Q 68 13.66 -3.64 46.46
CA ASP Q 69 12.82 -1.07 43.78
CA VAL Q 70 15.00 -3.05 41.51
CA HIS Q 71 13.11 -6.20 42.18
CA ILE Q 72 9.80 -4.44 41.89
CA ARG Q 73 10.69 -3.58 38.34
CA ARG Q 74 11.57 -7.18 37.61
CA LEU Q 75 8.28 -8.38 38.94
CA ARG Q 76 6.33 -5.74 37.12
CA LYS Q 77 8.16 -6.72 34.03
CA ALA Q 78 7.52 -10.39 34.60
CA LEU Q 79 3.96 -9.39 35.09
CA GLU Q 80 3.37 -7.18 32.08
CA PRO Q 81 1.45 -9.95 30.43
CA GLY Q 82 -2.19 -9.53 31.05
CA GLY Q 83 -1.29 -6.11 32.30
CA HIS Q 84 -1.25 -7.68 35.70
CA ASP Q 85 1.93 -5.79 36.34
CA ARG Q 86 -0.09 -2.68 36.95
CA MET Q 87 -1.09 -4.36 40.15
CA VAL Q 88 2.29 -3.80 41.72
CA GLN Q 89 1.55 -0.20 42.65
CA THR Q 90 3.85 2.35 44.24
CA VAL Q 91 2.65 4.48 47.09
CA ARG Q 92 5.10 7.32 47.16
CA GLY Q 93 6.74 8.13 50.38
CA THR Q 94 5.93 4.77 51.80
CA GLY Q 95 6.55 1.87 49.57
CA TYR Q 96 4.89 -0.63 47.33
CA ARG Q 97 1.67 -2.55 47.52
CA PHE Q 98 -0.18 -5.21 45.59
CA SER Q 99 -3.73 -4.42 44.59
CA THR Q 100 -6.31 -5.81 42.26
CA ARG Q 101 -7.52 -2.32 41.44
CA PHE Q 102 -4.95 -1.49 38.84
CA VAL R 1 -5.36 -0.35 64.91
CA GLU R 2 -6.09 0.17 61.22
CA GLU R 3 -9.72 1.15 60.86
CA VAL R 4 -10.69 2.54 57.50
CA ILE R 5 -12.37 5.90 57.59
CA GLU R 6 -15.16 6.30 55.17
CA MET R 7 -17.29 9.38 55.24
CA GLN R 8 -20.18 10.07 52.97
CA GLY R 9 -18.62 8.57 49.90
CA LEU R 10 -15.07 9.51 50.57
CA SER R 11 -12.98 6.63 51.73
CA LEU R 12 -9.41 6.43 52.95
CA ASP R 13 -7.71 3.14 53.67
CA PRO R 14 -4.96 4.01 56.13
CA THR R 15 -3.21 0.76 55.55
CA SER R 16 -2.92 1.21 51.85
CA HIS R 17 -3.17 4.92 51.35
CA ARG R 18 -6.17 4.33 49.20
CA VAL R 19 -8.48 7.28 48.99
CA MET R 20 -11.60 6.66 47.03
CA ALA R 21 -14.45 8.74 45.76
CA GLY R 22 -17.07 6.08 45.94
CA GLU R 23 -15.48 3.83 43.39
CA GLU R 24 -13.23 6.29 41.56
CA PRO R 25 -10.03 6.26 43.54
CA LEU R 26 -8.49 9.67 44.01
CA GLU R 27 -4.89 10.58 43.41
CA MET R 28 -3.03 12.97 45.65
CA GLY R 29 0.43 13.72 46.95
CA PRO R 30 1.62 12.43 50.31
CA THR R 31 1.07 15.62 52.18
CA GLU R 32 -2.24 16.17 50.47
CA PHE R 33 -2.92 12.74 51.77
CA LYS R 34 -1.77 13.23 55.27
CA LEU R 35 -3.89 16.30 55.24
CA LEU R 36 -7.10 14.63 54.30
CA HIS R 37 -6.30 11.89 56.69
CA PHE R 38 -6.39 14.53 59.30
CA PHE R 39 -9.32 16.48 58.08
CA MET R 40 -11.37 13.35 58.09
CA THR R 41 -10.30 12.22 61.47
CA HIS R 42 -11.19 15.73 62.70
CA PRO R 43 -14.39 16.73 60.88
CA GLU R 44 -16.89 19.53 61.28
CA ARG R 45 -14.26 21.45 63.11
CA VAL R 46 -12.47 24.52 61.99
CA TYR R 47 -8.72 24.54 62.17
CA SER R 48 -6.39 27.47 61.85
CA ARG R 49 -3.42 27.45 59.61
CA GLU R 50 -0.97 27.46 62.43
CA GLN R 51 -2.73 24.42 63.79
CA LEU R 52 -2.99 22.42 60.66
CA LEU R 53 0.69 22.86 60.29
CA ASN R 54 1.54 21.44 63.66
CA HIS R 55 -0.83 18.60 63.13
CA VAL R 56 0.21 17.67 59.69
CA TRP R 57 3.74 19.03 59.61
CA GLY R 58 5.67 19.37 62.77
CA THR R 59 6.64 21.45 65.73
CA ASN R 60 9.21 23.87 64.46
CA VAL R 61 8.28 23.47 60.91
CA TYR R 62 9.91 26.14 58.82
CA VAL R 63 6.98 26.59 56.50
CA GLU R 64 4.99 29.72 56.05
CA ASP R 65 1.36 29.88 56.94
CA ARG R 66 -0.08 30.43 53.51
CA THR R 67 1.69 27.38 52.29
CA VAL R 68 -1.38 25.66 53.57
CA ASP R 69 -3.73 27.46 51.21
CA VAL R 70 -1.76 26.09 48.41
CA HIS R 71 -2.16 22.57 49.71
CA ILE R 72 -5.81 23.11 50.33
CA ARG R 73 -6.22 23.78 46.67
CA ARG R 74 -4.41 20.57 45.81
CA LEU R 75 -6.59 18.48 48.06
CA ARG R 76 -9.73 20.15 46.78
CA LYS R 77 -8.52 19.46 43.36
CA ALA R 78 -7.66 15.90 44.16
CA LEU R 79 -11.12 15.74 45.63
CA GLU R 80 -13.21 17.22 42.82
CA PRO R 81 -14.41 13.79 41.88
CA GLY R 82 -17.69 13.06 43.47
CA GLY R 83 -17.63 16.72 44.31
CA HIS R 84 -16.23 15.65 47.64
CA ASP R 85 -13.89 18.57 47.31
CA ARG R 86 -16.60 20.87 48.41
CA MET R 87 -16.03 19.39 51.80
CA VAL R 88 -12.81 21.24 52.30
CA GLN R 89 -14.49 24.47 53.33
CA THR R 90 -12.83 27.78 54.11
CA VAL R 91 -13.91 29.72 57.16
CA ARG R 92 -12.69 33.21 56.44
CA GLY R 93 -10.60 34.89 59.03
CA THR R 94 -9.81 31.65 60.73
CA GLY R 95 -8.85 28.85 58.47
CA TYR R 96 -10.09 25.71 56.87
CA ARG R 97 -12.23 22.86 57.99
CA PHE R 98 -13.52 19.56 56.74
CA SER R 99 -17.24 19.05 56.76
CA THR R 100 -19.71 16.55 55.31
CA ARG R 101 -22.24 19.32 54.79
CA PHE R 102 -20.88 20.67 51.55
CA VAL U 1 15.13 66.31 -112.95
CA GLU U 2 17.24 68.59 -110.82
CA GLU U 3 15.21 70.39 -108.23
CA VAL U 4 14.82 68.15 -105.29
CA ILE U 5 11.06 67.76 -105.05
CA GLU U 6 9.81 68.24 -101.57
CA MET U 7 6.43 67.88 -100.08
CA GLN U 8 5.51 67.99 -96.49
CA GLY U 9 8.56 66.14 -95.24
CA LEU U 10 8.93 63.78 -98.10
CA SER U 11 11.76 64.70 -100.34
CA LEU U 12 12.90 63.31 -103.63
CA ASP U 13 16.05 64.44 -105.34
CA PRO U 14 15.45 63.64 -108.96
CA THR U 15 19.07 64.00 -109.80
CA SER U 16 20.28 61.54 -107.19
CA HIS U 17 17.24 59.38 -106.64
CA ARG U 18 17.40 60.31 -103.04
CA VAL U 19 14.10 60.02 -101.34
CA MET U 20 14.09 61.15 -97.78
CA ALA U 21 11.62 61.11 -95.01
CA GLY U 22 12.74 64.28 -93.32
CA GLU U 23 16.22 63.05 -92.54
CA GLU U 24 15.80 59.26 -92.68
CA PRO U 25 16.35 58.39 -96.27
CA LEU U 26 13.94 55.84 -97.65
CA GLU U 27 14.87 52.80 -99.65
CA MET U 28 12.80 51.60 -102.57
CA GLY U 29 13.06 49.78 -105.81
CA PRO U 30 13.35 51.72 -109.04
CA THR U 31 9.77 51.32 -110.06
CA GLU U 32 8.64 52.09 -106.63
CA PHE U 33 10.72 55.14 -107.14
CA LYS U 34 9.43 56.21 -110.48
CA LEU U 35 6.03 55.74 -109.02
CA LEU U 36 6.51 58.12 -106.20
CA HIS U 37 8.17 60.54 -108.50
CA PHE U 38 4.98 60.63 -110.36
CA PHE U 39 2.61 60.68 -107.51
CA MET U 40 4.37 63.66 -106.12
CA THR U 41 4.48 65.53 -109.34
CA HIS U 42 0.74 64.87 -109.64
CA PRO U 43 -0.69 65.27 -106.20
CA GLU U 44 -4.18 65.54 -104.81
CA ARG U 45 -5.42 63.89 -107.92
CA VAL U 46 -6.87 60.44 -108.31
CA TYR U 47 -5.39 58.19 -110.92
CA SER U 48 -6.76 54.94 -112.22
CA ARG U 49 -4.71 51.86 -112.54
CA GLU U 50 -4.82 51.97 -116.27
CA GLN U 51 -3.48 55.49 -116.09
CA LEU U 52 -0.74 54.95 -113.62
CA LEU U 53 0.54 52.23 -115.81
CA ASN U 54 0.77 54.40 -118.83
CA HIS U 55 2.41 57.16 -116.91
CA VAL U 56 4.86 55.02 -115.05
CA TRP U 57 5.20 52.07 -117.31
CA GLY U 58 5.24 53.98 -120.48
CA THR U 59 2.61 51.58 -121.62
CA ASN U 60 -0.06 49.31 -120.24
CA VAL U 61 1.39 47.48 -123.22
CA TYR U 62 2.23 44.64 -120.86
CA VAL U 63 1.42 44.67 -117.19
CA GLU U 64 -1.81 43.39 -115.67
CA ASP U 65 -3.78 46.05 -113.81
CA ARG U 66 -3.51 44.67 -110.32
CA THR U 67 0.21 44.57 -110.60
CA VAL U 68 -0.10 48.13 -109.48
CA ASP U 69 -1.65 47.23 -106.15
CA VAL U 70 1.39 45.17 -105.48
CA HIS U 71 3.66 48.08 -106.11
CA ILE U 72 1.49 50.41 -104.14
CA ARG U 73 2.15 48.22 -101.14
CA ARG U 74 5.86 48.32 -101.73
CA LEU U 75 5.83 52.09 -101.93
CA ARG U 76 3.69 52.44 -98.91
CA LYS U 77 6.05 50.12 -97.13
CA ALA U 78 9.06 52.03 -98.28
CA LEU U 79 7.26 55.09 -97.10
CA GLU U 80 6.20 53.96 -93.66
CA PRO U 81 8.95 56.05 -92.14
CA GLY U 82 7.60 59.39 -91.17
CA GLY U 83 4.23 57.90 -91.77
CA HIS U 84 4.46 59.43 -95.18
CA ASP U 85 3.14 56.17 -96.52
CA ARG U 86 -0.31 57.21 -95.51
CA MET U 87 -0.13 59.65 -98.37
CA VAL U 88 -0.53 56.93 -100.92
CA GLN U 89 -4.29 56.77 -100.56
CA THR U 90 -6.72 54.40 -102.24
CA VAL U 91 -9.92 55.69 -103.77
CA ARG U 92 -12.03 52.62 -104.07
CA GLY U 93 -13.60 51.92 -107.35
CA THR U 94 -11.21 54.14 -109.12
CA GLY U 95 -7.64 53.79 -108.12
CA TYR U 96 -4.90 55.37 -106.11
CA ARG U 97 -3.87 58.93 -105.50
CA PHE U 98 -1.12 60.82 -103.73
CA SER U 99 -2.18 63.46 -101.28
CA THR U 100 -0.60 65.48 -98.56
CA ARG U 101 -3.73 65.21 -96.51
CA PHE U 102 -3.05 61.81 -94.99
CA VAL V 1 -13.60 69.79 -117.27
CA GLU V 2 -12.95 69.20 -113.57
CA GLU V 3 -14.54 72.05 -111.69
CA VAL V 4 -14.84 71.50 -108.00
CA ILE V 5 -18.30 71.93 -106.65
CA GLU V 6 -18.46 73.63 -103.38
CA MET V 7 -21.75 74.55 -101.92
CA GLN V 8 -22.25 76.28 -98.68
CA GLY V 9 -19.45 74.48 -96.85
CA LEU V 10 -19.74 71.15 -98.53
CA SER V 11 -17.05 70.55 -101.01
CA LEU V 12 -16.48 67.75 -103.45
CA ASP V 13 -13.37 67.50 -105.51
CA PRO V 14 -14.39 65.44 -108.51
CA THR V 15 -10.85 64.77 -109.40
CA SER V 16 -9.89 63.29 -106.09
CA HIS V 17 -13.14 62.15 -104.67
CA ARG V 18 -12.53 64.44 -101.78
CA VAL V 19 -15.67 65.47 -100.04
CA MET V 20 -15.13 67.93 -97.31
CA ALA V 21 -17.21 69.46 -94.62
CA GLY V 22 -15.47 72.77 -94.46
CA GLU V 23 -12.16 71.33 -93.30
CA GLU V 24 -13.24 67.96 -91.89
CA PRO V 25 -13.19 65.64 -94.83
CA LEU V 26 -16.09 63.26 -94.99
CA GLU V 27 -15.88 59.53 -95.56
CA MET V 28 -18.41 57.70 -97.67
CA GLY V 29 -18.76 54.70 -99.91
CA PRO V 30 -18.51 55.02 -103.66
CA THR V 31 -22.17 55.00 -104.38
CA GLU V 32 -22.82 57.31 -101.51
CA PHE V 33 -20.33 59.45 -103.25
CA LYS V 34 -21.74 59.26 -106.69
CA LEU V 35 -24.99 60.14 -105.15
CA LEU V 36 -23.87 63.32 -103.54
CA HIS V 37 -22.04 64.19 -106.63
CA PHE V 38 -25.37 64.15 -108.30
CA PHE V 39 -27.36 65.81 -105.67
CA MET V 40 -25.00 68.70 -105.68
CA THR V 41 -24.93 69.07 -109.37
CA HIS V 42 -28.74 69.08 -109.31
CA PRO V 43 -29.74 71.12 -106.27
CA GLU V 44 -32.98 72.56 -105.05
CA ARG V 45 -34.77 70.09 -107.19
CA VAL V 46 -36.76 67.12 -106.10
CA TYR V 47 -35.99 63.77 -107.63
CA SER V 48 -38.00 60.60 -107.48
CA ARG V 49 -36.52 57.28 -106.57
CA GLU V 50 -36.95 55.86 -109.97
CA GLN V 51 -35.08 58.86 -111.28
CA LEU V 52 -32.23 58.86 -108.87
CA LEU V 53 -31.66 55.28 -109.76
CA ASN V 54 -31.35 55.96 -113.43
CA HIS V 55 -29.14 58.88 -112.79
CA VAL V 56 -26.85 57.26 -110.31
CA TRP V 57 -27.25 53.59 -111.19
CA GLY V 58 -28.24 52.65 -114.64
CA THR V 59 -30.93 51.93 -117.15
CA ASN V 60 -32.10 48.44 -116.37
CA VAL V 61 -30.71 48.39 -112.95
CA TYR V 62 -32.03 45.43 -111.03
CA VAL V 63 -32.28 47.27 -107.78
CA GLU V 64 -35.42 47.89 -105.89
CA ASP V 65 -36.70 51.39 -105.33
CA ARG V 66 -36.33 51.51 -101.61
CA THR V 67 -32.74 50.58 -101.89
CA VAL V 68 -32.32 54.28 -102.33
CA ASP V 69 -33.67 55.13 -98.92
CA VAL V 70 -30.99 52.99 -97.47
CA HIS V 71 -28.34 54.90 -99.31
CA ILE V 72 -29.88 58.20 -98.43
CA ARG V 73 -29.31 57.30 -94.83
CA ARG V 74 -25.68 56.48 -95.48
CA LEU V 75 -25.07 59.79 -97.20
CA ARG V 76 -26.84 61.71 -94.52
CA LYS V 77 -24.75 59.85 -92.06
CA ALA V 78 -21.60 60.49 -93.94
CA LEU V 79 -22.77 64.09 -94.04
CA GLU V 80 -23.60 64.68 -90.41
CA PRO V 81 -20.43 66.63 -89.94
CA GLY V 82 -21.07 70.30 -90.35
CA GLY V 83 -24.67 69.27 -90.25
CA HIS V 84 -24.54 69.31 -93.99
CA ASP V 85 -26.54 66.13 -93.86
CA ARG V 86 -29.64 68.14 -93.30
CA MET V 87 -29.35 69.10 -96.91
CA VAL V 88 -30.46 65.71 -98.08
CA GLN V 89 -34.13 66.47 -97.62
CA THR V 90 -37.04 64.08 -98.13
CA VAL V 91 -40.11 65.30 -100.01
CA ARG V 92 -42.75 62.84 -98.96
CA GLY V 93 -44.71 61.13 -101.65
CA THR V 94 -42.17 61.99 -104.24
CA GLY V 95 -38.63 61.39 -103.22
CA TYR V 96 -35.49 63.09 -102.10
CA ARG V 97 -33.80 66.31 -103.00
CA PHE V 98 -30.65 68.19 -102.20
CA SER V 99 -31.04 71.74 -100.98
CA THR V 100 -28.84 74.37 -99.39
CA ARG V 101 -31.74 75.60 -97.33
CA PHE V 102 -31.53 72.99 -94.60
CA VAL Y 1 8.62 -124.82 64.79
CA GLU Y 2 7.33 -123.08 67.85
CA GLU Y 3 9.72 -120.45 69.11
CA VAL Y 4 9.13 -117.27 67.23
CA ILE Y 5 12.49 -116.64 65.62
CA GLU Y 6 13.64 -113.07 66.02
CA MET Y 7 16.58 -111.22 64.70
CA GLN Y 8 17.29 -107.55 64.89
CA GLY Y 9 13.72 -106.42 64.35
CA LEU Y 10 12.71 -109.12 61.98
CA SER Y 11 10.50 -111.72 63.55
CA LEU Y 12 9.14 -115.01 62.29
CA ASP Y 13 6.69 -117.10 64.21
CA PRO Y 14 7.16 -120.62 62.88
CA THR Y 15 3.96 -121.84 64.35
CA SER Y 16 1.82 -119.12 62.77
CA HIS Y 17 3.87 -118.10 59.80
CA ARG Y 18 3.86 -114.58 61.10
CA VAL Y 19 6.74 -112.53 59.90
CA MET Y 20 6.96 -109.06 61.33
CA ALA Y 21 9.09 -106.05 60.76
CA GLY Y 22 9.07 -104.72 64.26
CA GLU Y 23 5.35 -104.17 64.39
CA GLU Y 24 4.41 -103.94 60.73
CA PRO Y 25 3.79 -107.52 59.72
CA LEU Y 26 5.22 -108.46 56.41
CA GLU Y 27 3.40 -110.30 53.68
CA MET Y 28 5.08 -112.93 51.55
CA GLY Y 29 4.37 -116.05 49.61
CA PRO Y 30 4.94 -119.49 51.15
CA THR Y 31 8.21 -120.14 49.45
CA GLU Y 32 9.34 -116.66 50.15
CA PHE Y 33 8.50 -117.62 53.62
CA LYS Y 34 10.27 -120.94 53.80
CA LEU Y 35 13.19 -119.13 52.37
CA LEU Y 36 13.42 -116.55 55.04
CA HIS Y 37 12.85 -119.21 57.60
CA PHE Y 38 15.97 -120.79 56.39
CA PHE Y 39 18.03 -117.70 55.94
CA MET Y 40 17.36 -116.73 59.43
CA THR Y 41 18.09 -120.13 60.85
CA HIS Y 42 21.35 -120.03 58.93
CA PRO Y 43 22.65 -116.47 59.20
CA GLU Y 44 25.93 -114.78 58.41
CA ARG Y 45 26.68 -117.64 56.13
CA VAL Y 46 26.84 -117.60 52.41
CA TYR Y 47 24.83 -120.17 50.55
CA SER Y 48 25.03 -121.06 46.94
CA ARG Y 49 22.05 -121.31 44.76
CA GLU Y 50 22.40 -125.06 44.41
CA GLN Y 51 22.38 -125.30 48.13
CA LEU Y 52 19.50 -123.04 48.84
CA LEU Y 53 17.46 -125.11 46.52
CA ASN Y 54 18.18 -128.36 48.28
CA HIS Y 55 17.50 -126.83 51.58
CA VAL Y 56 14.37 -125.00 50.64
CA TRP Y 57 13.13 -127.05 47.79
CA GLY Y 58 13.94 -130.41 49.21
CA THR Y 59 15.61 -131.09 45.99
CA ASN Y 60 17.24 -129.26 43.14
CA VAL Y 61 15.41 -132.23 41.61
CA TYR Y 62 13.50 -129.71 39.53
CA VAL Y 63 14.06 -125.94 39.69
CA GLU Y 64 16.55 -124.00 37.58
CA ASP Y 65 19.21 -122.18 39.57
CA ARG Y 66 18.29 -118.59 38.76
CA THR Y 67 14.80 -119.21 39.90
CA VAL Y 68 16.28 -118.36 43.22
CA ASP Y 69 17.23 -114.80 42.22
CA VAL Y 70 13.62 -114.23 41.42
CA HIS Y 71 12.56 -115.33 44.82
CA ILE Y 72 15.29 -113.35 46.45
CA ARG Y 73 13.76 -110.21 44.98
CA ARG Y 74 10.35 -111.15 46.27
CA LEU Y 75 11.71 -111.67 49.71
CA ARG Y 76 13.68 -108.47 49.64
CA LYS Y 77 10.55 -106.71 48.50
CA ALA Y 78 8.47 -108.32 51.16
CA LEU Y 79 11.16 -107.22 53.50
CA GLU Y 80 11.57 -103.58 52.48
CA PRO Y 81 9.66 -102.48 55.49
CA GLY Y 82 12.03 -101.67 58.24
CA GLY Y 83 14.69 -101.83 55.64
CA HIS Y 84 15.20 -105.40 56.76
CA ASP Y 85 15.36 -106.34 53.17
CA ARG Y 86 18.89 -105.09 53.06
CA MET Y 87 19.74 -108.18 55.06
CA VAL Y 88 19.29 -110.48 52.13
CA GLN Y 89 22.73 -109.76 50.74
CA THR Y 90 24.25 -111.00 47.55
CA VAL Y 91 27.78 -112.34 47.49
CA ARG Y 92 28.69 -112.19 43.90
CA GLY Y 93 30.08 -115.28 42.35
CA THR Y 94 28.72 -117.46 45.04
CA GLY Y 95 25.22 -116.76 46.03
CA TYR Y 96 23.11 -115.14 48.64
CA ARG Y 97 23.36 -114.93 52.35
CA PHE Y 98 21.36 -113.57 55.21
CA SER Y 99 23.13 -111.24 57.56
CA THR Y 100 22.23 -108.83 60.26
CA ARG Y 101 24.94 -106.45 59.18
CA PHE Y 102 23.03 -104.71 56.43
CA VAL Z 1 35.81 -126.60 56.09
CA GLU Z 2 35.19 -122.82 56.17
CA GLU Z 3 37.88 -121.26 58.28
CA VAL Z 4 38.14 -117.49 58.02
CA ILE Z 5 41.54 -116.21 57.15
CA GLU Z 6 42.55 -113.10 58.92
CA MET Z 7 46.01 -111.76 58.57
CA GLN Z 8 47.34 -108.69 60.24
CA GLY Z 9 44.16 -106.63 59.92
CA LEU Z 10 43.00 -107.96 56.65
CA SER Z 11 40.17 -110.37 56.94
CA LEU Z 12 38.39 -112.52 54.42
CA ASP Z 13 35.33 -114.54 55.24
CA PRO Z 14 35.28 -117.33 52.69
CA THR Z 15 31.72 -118.13 53.43
CA SER Z 16 30.44 -114.63 52.80
CA HIS Z 17 33.02 -113.09 50.59
CA ARG Z 18 33.55 -110.45 53.17
CA VAL Z 19 36.92 -108.83 53.03
CA MET Z 20 37.56 -106.35 55.72
CA ALA Z 21 40.23 -103.83 56.51
CA GLY Z 22 39.96 -104.03 60.20
CA GLU Z 23 36.43 -102.68 60.34
CA GLU Z 24 36.16 -100.90 57.01
CA PRO Z 25 35.02 -103.61 54.67
CA LEU Z 26 36.70 -103.53 51.34
CA GLU Z 27 34.99 -103.68 48.01
CA MET Z 28 36.45 -105.62 45.15
CA GLY Z 29 35.43 -107.54 42.10
CA PRO Z 30 35.12 -111.35 42.13
CA THR Z 31 38.43 -112.08 40.57
CA GLU Z 32 40.11 -109.46 42.66
CA PHE Z 33 38.59 -111.43 45.43
CA LYS Z 34 39.61 -114.87 44.35
CA LEU Z 35 43.02 -113.43 44.00
CA LEU Z 36 43.36 -112.17 47.46
CA HIS Z 37 41.87 -115.36 48.69
CA PHE Z 38 44.79 -117.05 47.15
CA PHE Z 39 47.44 -114.60 48.09
CA MET Z 40 46.43 -114.92 51.64
CA THR Z 41 46.30 -118.67 51.66
CA HIS Z 42 49.79 -118.62 50.14
CA PRO Z 43 51.69 -115.80 51.87
CA GLU Z 44 55.31 -114.75 51.99
CA ARG Z 45 55.82 -116.65 48.83
CA VAL Z 46 56.52 -115.23 45.48
CA TYR Z 47 54.38 -116.40 42.62
CA SER Z 48 54.97 -115.92 38.98
CA ARG Z 49 52.34 -114.62 36.67
CA GLU Z 50 51.97 -117.90 34.90
CA GLN Z 51 51.39 -119.53 38.22
CA LEU Z 52 48.92 -117.09 39.60
CA LEU Z 53 46.91 -117.59 36.51
CA ASN Z 54 46.70 -121.35 36.90
CA HIS Z 55 45.88 -121.01 40.47
CA VAL Z 56 43.28 -118.32 40.16
CA TRP Z 57 42.13 -118.81 36.62
CA GLY Z 58 42.46 -122.18 35.04
CA THR Z 59 44.50 -124.64 33.09
CA ASN Z 60 44.21 -123.48 29.55
CA VAL Z 61 43.10 -120.03 30.39
CA TYR Z 62 43.24 -117.77 27.37
CA VAL Z 63 44.39 -114.72 29.23
CA GLU Z 64 47.61 -112.91 28.72
CA ASP Z 65 50.21 -112.73 31.41
CA ARG Z 66 50.13 -109.01 32.02
CA THR Z 67 46.44 -109.16 32.59
CA VAL Z 68 47.53 -110.00 36.05
CA ASP Z 69 49.28 -106.68 36.61
CA VAL Z 70 46.07 -104.97 35.89
CA HIS Z 71 44.31 -107.02 38.49
CA ILE Z 72 47.09 -106.50 40.93
CA ARG Z 73 46.40 -102.78 40.69
CA ARG Z 74 42.71 -103.33 41.35
CA LEU Z 75 43.39 -105.42 44.41
CA ARG Z 76 45.93 -102.94 45.69
CA LYS Z 77 43.40 -100.26 45.08
CA ALA Z 78 40.69 -102.19 46.74
CA LEU Z 79 43.18 -102.70 49.50
CA GLU Z 80 44.38 -99.11 50.04
CA PRO Z 81 42.29 -98.84 53.11
CA GLY Z 82 44.32 -99.66 56.13
CA GLY Z 83 47.20 -99.47 53.76
CA HIS Z 84 46.91 -103.24 53.50
CA ASP Z 85 47.46 -102.77 49.85
CA ARG Z 86 51.13 -102.44 50.47
CA MET Z 87 51.05 -106.16 51.10
CA VAL Z 88 50.64 -106.98 47.50
CA GLN Z 89 54.33 -106.62 46.75
CA THR Z 90 55.99 -106.89 43.39
CA VAL Z 91 59.19 -108.94 43.08
CA ARG Z 92 60.66 -107.63 39.90
CA GLY Z 93 61.62 -110.15 37.32
CA THR Z 94 59.51 -112.83 38.86
CA GLY Z 95 56.09 -111.73 39.85
CA TYR Z 96 53.97 -110.77 42.74
CA ARG Z 97 53.66 -112.01 46.22
CA PHE Z 98 51.58 -111.40 49.26
CA SER Z 99 53.43 -110.56 52.41
CA THR Z 100 52.55 -109.24 55.82
CA ARG Z 101 55.80 -107.32 55.96
CA PHE Z 102 54.72 -104.29 53.95
CA VAL CA 1 -15.90 -80.72 9.26
CA GLU CA 2 -14.70 -84.23 8.58
CA GLU CA 3 -11.52 -85.07 10.42
CA VAL CA 4 -12.37 -86.18 13.84
CA ILE CA 5 -10.57 -83.63 15.99
CA GLU CA 6 -8.65 -85.23 18.78
CA MET CA 7 -6.72 -83.80 21.62
CA GLN CA 8 -5.24 -85.61 24.52
CA GLY CA 9 -8.08 -88.07 24.94
CA LEU CA 10 -10.86 -85.75 23.98
CA SER CA 11 -12.24 -86.45 20.59
CA LEU CA 12 -14.77 -84.64 18.46
CA ASP CA 13 -16.01 -85.98 15.19
CA PRO CA 14 -17.23 -82.90 13.32
CA THR CA 15 -19.12 -84.95 10.84
CA SER CA 16 -21.11 -86.87 13.41
CA HIS CA 17 -21.04 -84.54 16.34
CA ARG CA 18 -19.48 -87.33 18.34
CA VAL CA 19 -17.49 -86.12 21.25
CA MET CA 20 -15.70 -88.82 23.17
CA ALA CA 21 -13.71 -88.97 26.30
CA GLY CA 22 -11.36 -91.75 25.32
CA GLU CA 23 -14.06 -94.36 24.88
CA GLU CA 24 -16.89 -92.94 26.96
CA PRO CA 25 -18.78 -90.67 24.61
CA LEU CA 26 -19.82 -87.37 26.10
CA GLU CA 27 -23.25 -85.83 25.85
CA MET CA 28 -23.81 -82.09 25.39
CA GLY CA 29 -26.19 -79.59 23.92
CA PRO CA 30 -25.61 -78.14 20.48
CA THR CA 31 -24.22 -74.86 21.65
CA GLU CA 32 -22.15 -76.60 24.21
CA PHE CA 33 -20.97 -78.54 21.28
CA LYS CA 34 -20.23 -75.67 18.96
CA LEU CA 35 -18.39 -74.17 21.83
CA LEU CA 36 -16.06 -77.05 22.35
CA HIS CA 37 -15.61 -77.32 18.68
CA PHE CA 38 -14.24 -73.86 18.82
CA PHE CA 39 -12.21 -74.17 21.91
CA MET CA 40 -10.46 -77.13 20.51
CA THR CA 41 -9.81 -75.56 17.21
CA HIS CA 42 -8.38 -72.58 19.09
CA PRO CA 43 -6.42 -74.02 21.99
CA GLU CA 44 -3.96 -72.61 24.46
CA ARG CA 45 -5.36 -69.20 23.71
CA VAL CA 46 -7.42 -66.98 25.92
CA TYR CA 47 -10.66 -65.63 24.55
CA SER CA 48 -12.83 -62.93 25.98
CA ARG CA 49 -16.49 -63.30 26.41
CA GLU CA 50 -17.27 -60.73 23.76
CA GLN CA 51 -15.14 -62.74 21.43
CA LEU CA 52 -16.46 -66.16 22.17
CA LEU CA 53 -19.87 -64.83 21.45
CA ASN CA 54 -19.01 -63.54 18.06
CA HIS CA 55 -17.24 -66.72 17.20
CA VAL CA 56 -19.82 -69.09 18.49
CA TRP CA 57 -22.92 -67.01 18.27
CA GLY CA 58 -22.19 -65.41 15.01
CA THR CA 59 -22.95 -62.17 16.70
CA ASN CA 60 -22.97 -60.62 20.12
CA VAL CA 61 -25.95 -59.12 18.29
CA TYR CA 62 -28.10 -60.51 21.04
CA VAL CA 63 -26.72 -62.45 24.00
CA GLU CA 64 -25.61 -60.89 27.27
CA ASP CA 65 -21.96 -61.50 28.12
CA ARG CA 66 -22.34 -63.66 31.18
CA THR CA 67 -24.51 -66.02 29.29
CA VAL CA 68 -21.23 -67.53 28.36
CA ASP CA 69 -20.28 -68.47 31.90
CA VAL CA 70 -23.42 -70.47 32.04
CA HIS CA 71 -22.49 -72.40 29.00
CA ILE CA 72 -18.96 -72.87 30.18
CA ARG CA 73 -20.32 -74.75 33.15
CA ARG CA 74 -22.42 -76.97 30.94
CA LEU CA 75 -19.45 -77.83 28.85
CA ARG CA 76 -17.25 -78.48 31.79
CA LYS CA 77 -19.96 -80.69 33.17
CA ALA CA 78 -20.36 -82.52 29.94
CA LEU CA 79 -16.64 -82.90 30.02
CA GLU CA 80 -16.12 -84.17 33.54
CA PRO CA 81 -15.58 -87.67 32.24
CA GLY CA 82 -11.93 -88.31 31.79
CA GLY CA 83 -11.43 -85.15 33.74
CA HIS CA 84 -11.18 -83.43 30.41
CA ASP CA 85 -13.39 -80.73 31.80
CA ARG CA 86 -10.42 -79.30 33.59
CA MET CA 87 -9.27 -78.16 30.20
CA VAL CA 88 -11.87 -75.41 30.01
CA GLN CA 89 -9.85 -73.01 32.11
CA THR CA 90 -10.83 -69.55 33.30
CA VAL CA 91 -8.42 -66.66 33.04
CA ARG CA 92 -9.79 -64.14 35.43
CA GLY CA 93 -10.31 -60.65 34.21
CA THR CA 94 -10.28 -61.73 30.68
CA GLY CA 95 -12.25 -64.78 29.90
CA TYR CA 96 -12.00 -68.46 29.20
CA ARG CA 97 -9.57 -70.56 27.29
CA PHE CA 98 -9.13 -74.18 26.27
CA SER CA 99 -5.84 -75.81 27.12
CA THR CA 100 -4.41 -79.29 27.24
CA ARG CA 101 -2.42 -78.44 30.30
CA PHE CA 102 -5.12 -79.01 32.83
CA VAL DA 1 2.04 -58.22 17.14
CA GLU DA 2 2.07 -60.93 19.84
CA GLU DA 3 5.67 -61.78 20.60
CA VAL DA 4 6.22 -63.82 23.71
CA ILE DA 5 8.65 -62.33 26.13
CA GLU DA 6 10.89 -64.80 27.80
CA MET DA 7 13.66 -63.63 29.99
CA GLN DA 8 16.09 -65.85 31.78
CA GLY DA 9 13.60 -68.57 32.66
CA LEU DA 10 10.61 -66.38 33.16
CA SER DA 11 8.17 -66.53 30.36
CA LEU DA 12 5.00 -64.60 29.64
CA ASP DA 13 2.74 -65.42 26.76
CA PRO DA 14 0.87 -62.19 26.05
CA THR DA 15 -1.69 -63.98 24.03
CA SER DA 16 -2.64 -66.42 26.72
CA HIS DA 17 -1.61 -64.71 29.86
CA ARG DA 18 0.63 -67.63 30.59
CA VAL DA 19 3.49 -66.80 32.85
CA MET DA 20 5.88 -69.62 33.43
CA ALA DA 21 8.83 -70.28 35.64
CA GLY DA 22 10.71 -72.52 33.35
CA GLU DA 23 8.10 -75.26 33.32
CA GLU DA 24 6.19 -74.50 36.50
CA PRO DA 25 3.57 -72.01 35.42
CA LEU DA 26 3.04 -69.18 37.82
CA GLU DA 27 -0.28 -67.96 39.10
CA MET DA 28 -0.99 -64.28 39.61
CA GLY DA 29 -3.81 -61.77 39.58
CA PRO DA 30 -4.54 -59.60 36.54
CA THR DA 31 -2.86 -56.50 37.78
CA GLU DA 32 0.05 -58.52 39.07
CA PHE DA 33 0.15 -59.75 35.59
CA LYS DA 34 -0.08 -56.44 33.82
CA LEU DA 35 2.66 -55.35 36.08
CA LEU DA 36 5.10 -58.05 35.20
CA HIS DA 37 4.17 -57.58 31.64
CA PHE DA 38 5.44 -54.10 32.01
CA PHE DA 39 8.44 -54.82 34.10
CA MET DA 40 9.62 -57.28 31.57
CA THR DA 41 9.05 -55.04 28.65
CA HIS DA 42 11.01 -52.35 30.51
CA PRO DA 43 13.89 -54.15 32.22
CA GLU DA 44 17.03 -53.01 33.97
CA ARG DA 45 15.40 -49.67 34.42
CA VAL DA 46 14.21 -48.16 37.59
CA TYR DA 47 10.70 -46.82 37.71
CA SER DA 48 9.13 -44.62 40.29
CA ARG DA 49 5.85 -45.38 41.86
CA GLU DA 50 4.12 -42.48 40.24
CA GLN DA 51 5.34 -43.78 36.95
CA LEU DA 52 4.44 -47.40 37.37
CA LEU DA 53 0.98 -46.26 38.17
CA ASN DA 54 0.55 -44.27 35.00
CA HIS DA 55 1.97 -47.07 33.03
CA VAL DA 56 0.04 -49.89 34.54
CA TRP DA 57 -2.99 -48.04 35.85
CA GLY DA 58 -4.06 -44.83 34.24
CA THR DA 59 -3.86 -41.08 34.01
CA ASN DA 60 -5.96 -39.82 36.81
CA VAL DA 61 -5.93 -43.03 38.69
CA TYR DA 62 -7.26 -42.53 42.14
CA VAL DA 63 -4.87 -44.95 43.78
CA GLU DA 64 -2.32 -44.11 46.35
CA ASP DA 65 1.36 -44.48 45.69
CA ARG DA 66 2.13 -47.20 48.18
CA THR DA 67 -0.55 -49.35 46.73
CA VAL DA 68 2.20 -50.36 44.43
CA ASP DA 69 4.38 -51.84 47.16
CA VAL DA 70 1.57 -54.13 47.99
CA HIS DA 71 1.38 -55.34 44.47
CA ILE DA 72 5.10 -55.70 44.26
CA ARG DA 73 4.89 -58.20 47.07
CA ARG DA 74 2.21 -60.17 45.25
CA LEU DA 75 4.23 -60.38 42.11
CA ARG DA 76 7.34 -61.36 44.00
CA LYS DA 77 5.30 -63.97 45.71
CA ALA DA 78 3.80 -65.17 42.53
CA LEU DA 79 7.34 -65.23 41.28
CA GLU DA 80 9.09 -67.15 44.07
CA PRO DA 81 9.19 -70.26 41.97
CA GLY DA 82 12.46 -70.51 40.21
CA GLY DA 83 13.47 -67.72 42.48
CA HIS DA 84 12.59 -65.39 39.64
CA ASP DA 85 11.00 -63.20 42.22
CA ARG DA 86 14.38 -61.87 43.12
CA MET DA 87 14.19 -59.99 39.89
CA VAL DA 88 11.68 -57.52 41.17
CA GLN DA 89 14.29 -55.39 42.90
CA THR DA 90 13.68 -52.34 45.03
CA VAL DA 91 15.82 -49.23 44.53
CA ARG DA 92 15.37 -47.35 47.73
CA GLY DA 93 14.33 -43.75 47.50
CA THR DA 94 13.15 -44.11 43.99
CA GLY DA 95 11.09 -47.16 43.34
CA TYR DA 96 11.17 -50.59 41.87
CA ARG DA 97 12.74 -52.07 38.86
CA PHE DA 98 12.88 -55.36 37.05
CA SER DA 99 16.29 -56.83 36.43
CA THR DA 100 17.71 -60.15 35.29
CA ARG DA 101 20.68 -59.73 37.58
CA PHE DA 102 19.03 -60.97 40.75
CA VAL GA 1 30.88 -67.14 34.63
CA GLU GA 2 28.69 -70.07 35.50
CA GLU GA 3 25.03 -69.26 35.18
CA VAL GA 4 23.99 -69.71 31.64
CA ILE GA 5 22.76 -66.23 30.69
CA GLU GA 6 19.45 -66.32 28.91
CA MET GA 7 17.41 -63.65 27.31
CA GLN GA 8 14.34 -64.04 25.21
CA GLY GA 9 15.52 -67.15 23.42
CA LEU GA 10 19.13 -66.27 23.24
CA SER GA 11 21.25 -68.23 25.64
CA LEU GA 12 24.89 -68.01 26.58
CA ASP GA 13 26.58 -70.48 28.87
CA PRO GA 14 29.56 -68.58 30.25
CA THR GA 15 31.20 -71.70 31.50
CA SER GA 16 31.08 -73.50 28.19
CA HIS GA 17 30.90 -70.63 25.76
CA ARG GA 18 27.71 -72.13 24.44
CA VAL GA 19 25.49 -69.61 22.79
CA MET GA 20 22.17 -70.94 21.64
CA ALA GA 21 19.29 -69.61 19.70
CA GLY GA 22 16.57 -71.55 21.39
CA GLU GA 23 17.87 -74.95 20.43
CA GLU GA 24 20.03 -74.15 17.43
CA PRO GA 25 23.41 -73.33 18.88
CA LEU GA 26 25.10 -70.35 17.32
CA GLU GA 27 28.67 -70.22 16.17
CA MET GA 28 30.85 -67.14 16.62
CA GLY GA 29 34.40 -66.09 17.07
CA PRO GA 30 35.80 -65.42 20.52
CA THR GA 31 35.58 -61.67 20.32
CA GLU GA 32 32.19 -61.89 18.80
CA PHE GA 33 31.50 -63.96 21.79
CA LYS GA 34 32.95 -61.68 24.40
CA LEU GA 35 30.98 -58.96 22.73
CA LEU GA 36 27.66 -60.63 23.08
CA HIS GA 37 28.54 -61.62 26.55
CA PHE GA 38 28.79 -57.98 27.27
CA PHE GA 39 25.84 -56.77 25.35
CA MET GA 40 23.67 -59.20 27.15
CA THR GA 41 25.03 -58.36 30.51
CA HIS GA 42 24.38 -54.70 29.66
CA PRO GA 43 21.07 -54.59 27.80
CA GLU GA 44 18.71 -51.84 26.77
CA ARG GA 45 21.56 -49.43 27.08
CA VAL GA 46 23.36 -47.59 24.35
CA TYR GA 47 27.11 -47.85 24.26
CA SER GA 48 29.50 -45.81 22.24
CA ARG GA 49 32.22 -47.31 20.24
CA GLU GA 50 34.92 -45.92 22.46
CA GLN GA 51 33.19 -47.56 25.34
CA LEU GA 52 32.58 -50.95 23.86
CA LEU GA 53 36.23 -51.11 23.11
CA ASN GA 54 37.31 -50.48 26.62
CA HIS GA 55 34.85 -52.96 27.93
CA VAL GA 56 35.52 -55.69 25.47
CA TRP GA 57 39.03 -54.94 24.48
CA GLY GA 58 40.31 -54.06 27.83
CA THR GA 59 41.65 -50.97 26.22
CA ASN GA 60 41.04 -48.73 23.26
CA VAL GA 61 44.81 -48.86 23.71
CA TYR GA 62 44.98 -50.19 20.21
CA VAL GA 63 41.94 -50.73 18.01
CA GLU GA 64 40.44 -48.12 15.68
CA ASP GA 65 36.85 -47.18 16.46
CA ARG GA 66 35.13 -48.51 13.40
CA THR GA 67 36.66 -51.87 13.97
CA VAL GA 68 33.65 -52.33 16.12
CA ASP GA 69 31.16 -51.96 13.29
CA VAL GA 70 32.88 -54.84 11.65
CA HIS GA 71 32.43 -57.02 14.65
CA ILE GA 72 28.88 -55.90 15.08
CA ARG GA 73 28.12 -57.35 11.69
CA ARG GA 74 29.76 -60.63 12.60
CA LEU GA 75 27.72 -60.90 15.71
CA ARG GA 76 24.53 -59.98 13.98
CA LYS GA 77 25.33 -62.59 11.41
CA ALA GA 78 26.12 -65.20 14.01
CA LEU GA 79 22.85 -64.21 15.52
CA GLU GA 80 20.57 -64.31 12.50
CA PRO GA 81 19.17 -67.61 13.65
CA GLY GA 82 16.05 -67.02 15.58
CA GLY GA 83 16.22 -63.50 14.29
CA HIS GA 84 17.96 -62.68 17.50
CA ASP GA 85 20.40 -60.66 15.50
CA ARG GA 86 17.87 -57.89 15.28
CA MET GA 87 18.66 -57.30 18.90
CA VAL GA 88 22.02 -55.77 18.14
CA GLN GA 89 20.56 -52.36 17.31
CA THR GA 90 22.37 -49.28 16.05
CA VAL GA 91 21.67 -45.88 17.56
CA ARG GA 92 22.96 -43.49 15.00
CA GLY GA 93 25.29 -40.81 16.11
CA THR GA 94 26.14 -42.65 19.22
CA GLY GA 95 26.80 -46.31 18.84
CA TYR GA 96 25.32 -49.72 19.31
CA ARG GA 97 23.14 -51.25 21.93
CA PHE GA 98 21.65 -54.61 22.78
CA SER GA 99 17.94 -54.74 23.33
CA THR GA 100 15.27 -57.36 23.59
CA ARG GA 101 12.83 -55.13 21.77
CA PHE GA 102 13.90 -55.95 18.29
CA VAL HA 1 23.14 -39.59 36.39
CA GLU HA 2 20.74 -41.17 33.89
CA GLU HA 3 17.22 -40.34 34.96
CA VAL HA 4 14.55 -41.01 32.41
CA ILE HA 5 12.35 -38.07 31.63
CA GLU HA 6 8.76 -38.91 31.12
CA MET HA 7 6.24 -36.19 30.70
CA GLN HA 8 2.56 -36.70 30.20
CA GLY HA 9 2.87 -39.78 28.02
CA LEU HA 10 6.01 -38.83 26.25
CA SER HA 11 9.01 -40.70 27.45
CA LEU HA 12 12.67 -40.41 26.63
CA ASP HA 13 15.25 -42.84 27.92
CA PRO HA 14 18.52 -40.91 27.84
CA THR HA 15 20.51 -44.04 28.18
CA SER HA 16 19.00 -45.76 25.23
CA HIS HA 17 17.69 -42.94 23.14
CA ARG HA 18 14.27 -44.45 23.42
CA VAL HA 19 11.49 -41.98 22.94
CA MET HA 20 8.08 -43.40 23.44
CA ALA HA 21 4.56 -42.21 22.94
CA GLY HA 22 3.00 -44.15 25.70
CA GLU HA 23 3.77 -47.55 24.24
CA GLU HA 24 4.29 -46.67 20.61
CA PRO HA 25 7.94 -45.78 20.40
CA LEU HA 26 8.68 -42.79 18.26
CA GLU HA 27 11.28 -42.59 15.59
CA MET HA 28 13.34 -39.46 15.05
CA GLY HA 29 16.72 -38.32 13.85
CA PRO HA 30 19.56 -37.57 16.26
CA THR HA 31 19.18 -33.85 16.25
CA GLU HA 32 15.44 -34.15 16.43
CA PHE HA 33 16.24 -36.22 19.41
CA LYS HA 34 18.69 -33.92 21.05
CA LEU HA 35 16.13 -31.26 20.54
CA LEU HA 36 13.34 -32.97 22.33
CA HIS HA 37 15.76 -33.96 24.97
CA PHE HA 38 16.23 -30.31 25.53
CA PHE HA 39 12.70 -29.19 25.17
CA MET HA 40 11.69 -31.66 27.76
CA THR HA 41 14.39 -30.76 30.16
CA HIS HA 42 13.35 -27.10 29.72
CA PRO HA 43 9.54 -27.10 29.55
CA GLU HA 44 6.90 -24.39 29.68
CA ARG HA 45 9.54 -21.93 28.71
CA VAL HA 46 9.84 -20.11 25.48
CA TYR HA 47 13.16 -20.22 23.72
CA SER HA 48 14.32 -18.11 20.88
CA ARG HA 49 15.87 -19.57 17.82
CA GLU HA 50 19.25 -18.14 18.57
CA GLN HA 51 19.07 -19.79 21.92
CA LEU HA 52 17.91 -23.19 20.86
CA LEU HA 53 20.80 -23.26 18.53
CA ASN HA 54 23.38 -22.61 21.19
CA HIS HA 55 21.79 -25.11 23.41
CA VAL HA 56 21.35 -27.88 20.95
CA TRP HA 57 24.02 -27.01 18.44
CA GLY HA 58 27.02 -25.07 19.52
CA THR HA 59 28.71 -21.75 20.09
CA ASN HA 60 29.76 -20.60 16.70
CA VAL HA 61 27.48 -22.87 14.88
CA TYR HA 62 27.29 -21.91 11.25
CA VAL HA 63 23.63 -22.67 10.87
CA GLU HA 64 20.96 -20.19 9.98
CA ASP HA 65 18.21 -19.34 12.35
CA ARG HA 66 15.30 -20.71 10.38
CA THR HA 67 17.00 -24.05 10.17
CA VAL HA 68 15.33 -24.57 13.45
CA ASP HA 69 11.82 -24.25 12.07
CA VAL HA 70 12.59 -27.08 9.80
CA HIS HA 71 13.65 -29.26 12.67
CA ILE HA 72 10.66 -28.23 14.66
CA ARG HA 73 8.50 -29.69 11.96
CA ARG HA 74 10.42 -32.96 12.05
CA LEU HA 75 10.06 -33.31 15.76
CA ARG HA 76 6.39 -32.44 15.61
CA LYS HA 77 6.05 -35.01 12.93
CA ALA HA 78 7.98 -37.57 14.85
CA LEU HA 79 5.71 -36.66 17.69
CA GLU HA 80 2.31 -36.88 16.02
CA PRO HA 81 1.65 -40.19 17.67
CA GLY HA 82 -0.27 -39.70 20.79
CA GLY HA 83 -0.70 -36.19 19.52
CA HIS HA 84 2.24 -35.29 21.70
CA ASP HA 85 3.43 -33.20 18.84
CA ARG HA 86 1.04 -30.50 19.82
CA MET HA 87 3.40 -29.86 22.66
CA VAL HA 88 5.97 -28.25 20.48
CA GLN HA 89 4.22 -24.89 20.43
CA THR HA 90 5.23 -21.80 18.49
CA VAL HA 91 5.21 -18.40 20.21
CA ARG HA 92 5.11 -15.98 17.36
CA GLY HA 93 7.68 -13.26 17.29
CA THR HA 94 9.90 -15.06 19.71
CA GLY HA 95 10.36 -18.71 19.04
CA TYR HA 96 9.31 -22.15 20.10
CA ARG HA 97 8.64 -23.74 23.38
CA PHE HA 98 7.76 -27.12 24.79
CA SER HA 99 4.68 -27.30 26.92
CA THR HA 100 2.49 -30.03 28.38
CA ARG HA 101 -0.57 -27.87 27.90
CA PHE HA 102 -1.17 -28.65 24.27
CA VAL KA 1 55.68 6.67 33.04
CA GLU KA 2 58.55 5.14 34.96
CA GLU KA 3 59.94 2.06 33.30
CA VAL KA 4 62.40 3.13 30.73
CA ILE KA 5 60.90 1.72 27.57
CA GLU KA 6 63.44 -0.09 25.49
CA MET KA 7 63.24 -1.64 22.13
CA GLN KA 8 66.04 -3.01 20.08
CA GLY KA 9 68.54 -0.34 21.00
CA LEU KA 10 66.16 2.54 21.22
CA SER KA 11 65.43 3.55 24.73
CA LEU KA 12 63.01 6.04 26.19
CA ASP KA 13 62.92 6.88 29.83
CA PRO KA 14 59.40 8.17 30.40
CA THR KA 15 60.30 9.69 33.68
CA SER KA 16 63.19 11.73 32.35
CA HIS KA 17 62.29 12.11 28.73
CA ARG KA 18 65.60 10.50 27.90
CA VAL KA 19 65.62 8.88 24.56
CA MET KA 20 68.79 7.04 23.73
CA ALA KA 21 70.14 5.31 20.75
CA GLY KA 22 72.17 2.67 22.51
CA GLU KA 23 74.44 5.10 24.26
CA GLU KA 24 74.14 8.22 22.10
CA PRO KA 25 71.19 10.08 23.49
CA LEU KA 26 68.85 11.53 20.91
CA GLU KA 27 67.47 15.05 20.88
CA MET KA 28 63.92 15.86 19.84
CA GLY KA 29 61.16 18.31 20.40
CA PRO KA 30 58.39 17.54 22.87
CA THR KA 31 55.84 16.52 20.32
CA GLU KA 32 58.40 14.54 18.50
CA PHE KA 33 58.89 12.96 21.82
CA LYS KA 34 55.31 12.26 22.67
CA LEU KA 35 55.06 10.80 19.26
CA LEU KA 36 57.80 8.28 19.72
CA HIS KA 37 56.51 7.48 23.10
CA PHE KA 38 53.38 6.41 21.43
CA PHE KA 39 54.85 4.64 18.52
CA MET KA 40 56.89 2.52 20.81
CA THR KA 41 54.07 1.72 23.09
CA HIS KA 42 52.10 0.70 20.02
CA PRO KA 43 54.53 -1.12 17.78
CA GLU KA 44 54.17 -3.24 14.70
CA ARG KA 45 50.83 -1.64 14.14
CA VAL KA 46 49.82 0.79 11.45
CA TYR KA 47 48.16 4.01 12.49
CA SER KA 48 46.38 6.51 10.33
CA ARG KA 49 47.03 10.17 10.48
CA GLU KA 50 43.63 10.92 11.91
CA GLN KA 51 44.40 8.44 14.62
CA LEU KA 52 47.87 9.53 15.49
CA LEU KA 53 46.50 12.99 15.96
CA ASN KA 54 43.89 11.93 18.41
CA HIS KA 55 46.35 9.83 20.29
CA VAL KA 56 49.14 12.34 20.36
CA TRP KA 57 47.27 15.57 20.04
CA GLY KA 58 44.45 14.70 22.27
CA THR KA 59 42.23 15.86 19.50
CA ASN KA 60 42.25 16.30 15.79
CA VAL KA 61 40.25 19.24 17.14
CA TYR KA 62 42.73 21.50 15.45
CA VAL KA 63 45.66 20.24 13.41
CA GLU KA 64 45.55 19.53 9.70
CA ASP KA 65 46.33 15.92 8.79
CA ARG KA 66 49.56 16.39 6.94
CA THR KA 67 51.01 18.20 9.84
CA VAL KA 68 51.87 14.72 10.95
CA ASP KA 69 54.15 14.01 8.01
CA VAL KA 70 56.14 17.00 9.05
CA HIS KA 71 56.60 15.64 12.48
CA ILE KA 72 57.36 12.19 11.22
CA ARG KA 73 60.36 13.66 9.45
CA ARG KA 74 61.54 15.38 12.57
CA LEU KA 75 61.32 12.16 14.51
CA ARG KA 76 63.05 10.17 11.88
CA LYS KA 77 65.73 12.81 11.81
CA ALA KA 78 66.07 12.78 15.53
CA LEU KA 79 66.30 9.05 15.22
CA GLU KA 80 68.89 8.72 12.49
CA PRO KA 81 71.51 7.80 15.03
CA GLY KA 82 71.75 4.08 15.30
CA GLY KA 83 69.68 4.00 12.20
CA HIS KA 84 66.73 3.60 14.49
CA ASP KA 85 64.94 6.13 12.37
CA ARG KA 86 64.27 3.45 9.85
CA MET KA 87 61.79 2.11 12.33
CA VAL KA 88 59.32 4.90 11.67
CA GLN KA 89 57.94 3.27 8.56
CA THR KA 90 55.34 4.62 6.18
CA VAL KA 91 52.50 2.43 4.99
CA ARG KA 92 51.28 4.22 1.95
CA GLY KA 93 47.63 4.91 1.67
CA THR KA 94 47.14 4.48 5.32
CA GLY KA 95 49.66 6.14 7.47
CA TYR KA 96 52.70 5.52 9.57
CA ARG KA 97 53.71 2.77 11.91
CA PHE KA 98 56.54 1.94 14.25
CA SER KA 99 58.25 -1.40 13.79
CA THR KA 100 61.40 -3.09 14.95
CA ARG KA 101 61.82 -4.74 11.62
CA PHE KA 102 63.48 -1.87 9.86
CA VAL LA 1 38.33 -7.57 14.67
CA GLU LA 2 41.83 -7.92 13.20
CA GLU LA 3 42.41 -11.59 12.49
CA VAL LA 4 45.41 -12.34 10.32
CA ILE LA 5 44.66 -14.41 7.31
CA GLU LA 6 47.25 -16.94 6.49
CA MET LA 7 46.65 -19.41 3.78
CA GLN LA 8 49.04 -22.09 2.73
CA GLY LA 9 52.19 -20.04 3.18
CA LEU LA 10 50.79 -16.70 2.17
CA SER LA 11 50.17 -14.43 5.05
CA LEU LA 12 48.57 -11.01 5.27
CA ASP LA 13 48.51 -9.02 8.45
CA PRO LA 14 45.54 -6.67 8.08
CA THR LA 15 46.74 -4.51 10.84
CA SER LA 16 50.12 -3.85 9.37
CA HIS LA 17 49.64 -4.46 5.74
CA ARG LA 18 52.28 -7.14 5.95
CA VAL LA 19 52.01 -9.73 3.29
CA MET LA 20 54.49 -12.52 3.60
CA ALA LA 21 55.55 -15.45 1.52
CA GLY LA 22 56.45 -17.77 4.29
CA GLU LA 23 59.29 -15.63 5.59
CA GLU LA 24 60.07 -13.48 2.57
CA PRO LA 25 57.74 -10.54 2.87
CA LEU LA 26 56.17 -9.46 -0.34
CA GLU LA 27 56.00 -5.92 -1.67
CA MET LA 28 52.94 -4.61 -3.46
CA GLY LA 29 51.03 -1.41 -4.10
CA PRO LA 30 47.98 -0.47 -2.06
CA THR LA 31 45.40 -1.59 -4.50
CA GLU LA 32 47.35 -4.73 -5.22
CA PHE LA 33 47.11 -5.17 -1.56
CA LYS LA 34 43.45 -4.49 -1.15
CA LEU LA 35 42.96 -6.94 -3.90
CA LEU LA 36 44.74 -9.81 -2.30
CA HIS LA 37 43.08 -8.97 0.89
CA PHE LA 38 39.88 -9.66 -0.87
CA PHE LA 39 40.94 -12.65 -2.81
CA MET LA 40 42.05 -14.32 0.32
CA THR LA 41 38.95 -13.51 2.22
CA HIS LA 42 36.95 -14.94 -0.67
CA PRO LA 43 38.87 -18.02 -1.85
CA GLU LA 44 38.08 -20.88 -4.18
CA ARG LA 45 35.44 -18.70 -5.71
CA VAL LA 46 35.46 -17.16 -9.08
CA TYR LA 47 34.76 -13.45 -9.35
CA SER LA 48 33.96 -11.45 -12.41
CA ARG LA 49 35.70 -8.25 -13.26
CA GLU LA 50 32.67 -6.13 -12.69
CA GLN LA 51 32.41 -7.69 -9.30
CA LEU LA 52 35.99 -7.37 -8.24
CA LEU LA 53 35.73 -3.72 -9.07
CA ASN LA 54 32.75 -3.11 -6.86
CA HIS LA 55 34.34 -5.05 -4.13
CA VAL LA 56 37.75 -3.52 -4.29
CA TRP LA 57 36.98 -0.17 -5.88
CA GLY LA 58 33.59 1.33 -5.51
CA THR LA 59 30.05 1.72 -6.72
CA ASN LA 60 30.28 4.12 -9.58
CA VAL LA 61 33.91 3.66 -10.10
CA TYR LA 62 34.99 5.20 -13.35
CA VAL LA 63 37.49 2.51 -14.17
CA GLU LA 64 37.37 0.22 -17.10
CA ASP LA 65 36.97 -3.50 -16.70
CA ARG LA 66 40.31 -4.60 -18.05
CA THR LA 67 42.05 -2.35 -15.65
CA VAL LA 68 41.71 -5.34 -13.41
CA ASP LA 69 43.83 -7.61 -15.57
CA VAL LA 70 46.61 -5.17 -15.21
CA HIS LA 71 46.37 -5.32 -11.49
CA ILE LA 72 46.12 -9.06 -11.53
CA ARG LA 73 49.51 -9.14 -13.14
CA ARG LA 74 50.95 -6.88 -10.49
CA LEU LA 75 49.65 -9.04 -7.72
CA ARG LA 76 50.86 -12.21 -9.38
CA LYS LA 77 54.17 -10.53 -9.78
CA ALA LA 78 54.24 -9.38 -6.27
CA LEU LA 79 53.34 -12.95 -5.43
CA GLU LA 80 55.93 -14.86 -7.43
CA PRO LA 81 57.92 -15.55 -4.35
CA GLY LA 82 57.03 -18.90 -2.93
CA GLY LA 83 55.24 -19.36 -6.17
CA HIS LA 84 52.14 -18.23 -4.35
CA ASP LA 85 51.35 -16.21 -7.39
CA ARG LA 86 50.04 -19.29 -9.05
CA MET LA 87 47.11 -18.93 -6.76
CA VAL LA 88 45.69 -16.00 -8.63
CA GLN LA 89 44.07 -18.17 -11.26
CA THR LA 90 42.20 -16.98 -14.32
CA VAL LA 91 38.89 -18.63 -15.21
CA ARG LA 92 38.49 -17.75 -18.82
CA GLY LA 93 35.26 -16.16 -19.86
CA THR LA 94 34.39 -15.19 -16.39
CA GLY LA 95 37.18 -13.66 -14.45
CA TYR LA 96 39.72 -14.34 -11.82
CA ARG LA 97 39.71 -16.27 -8.64
CA PHE LA 98 41.98 -17.02 -5.75
CA SER LA 99 42.61 -20.65 -4.95
CA THR LA 100 45.00 -22.64 -2.79
CA ARG LA 101 45.11 -25.41 -5.34
CA PHE LA 102 47.68 -23.86 -7.63
CA VAL OA 1 -29.68 87.39 -90.95
CA GLU OA 2 -26.73 85.91 -89.13
CA GLU OA 3 -25.38 82.82 -90.80
CA VAL OA 4 -23.03 83.88 -93.47
CA ILE OA 5 -24.63 82.41 -96.56
CA GLU OA 6 -22.16 80.60 -98.71
CA MET OA 7 -22.47 78.99 -102.03
CA GLN OA 8 -19.74 77.62 -104.17
CA GLY OA 9 -17.23 80.34 -103.38
CA LEU OA 10 -19.63 83.18 -103.11
CA SER OA 11 -20.23 84.24 -99.60
CA LEU OA 12 -22.63 86.73 -98.07
CA ASP OA 13 -22.58 87.63 -94.45
CA PRO OA 14 -26.09 88.89 -93.76
CA THR OA 15 -25.09 90.46 -90.55
CA SER OA 16 -22.27 92.52 -92.01
CA HIS OA 17 -23.32 92.83 -95.59
CA ARG OA 18 -20.03 91.25 -96.53
CA VAL OA 19 -20.11 89.58 -99.84
CA MET OA 20 -16.96 87.76 -100.77
CA ALA OA 21 -15.69 86.00 -103.78
CA GLY OA 22 -13.59 83.41 -102.05
CA GLU OA 23 -11.26 85.89 -100.43
CA GLU OA 24 -11.69 88.97 -102.63
CA PRO OA 25 -14.61 90.83 -101.14
CA LEU OA 26 -17.06 92.20 -103.65
CA GLU OA 27 -18.47 95.71 -103.68
CA MET OA 28 -22.06 96.47 -104.59
CA GLY OA 29 -24.85 98.89 -103.95
CA PRO OA 30 -27.50 98.14 -101.37
CA THR OA 31 -30.14 97.05 -103.80
CA GLU OA 32 -27.62 95.07 -105.70
CA PHE OA 33 -26.98 93.55 -102.38
CA LYS OA 34 -30.53 92.81 -101.38
CA LEU OA 35 -30.89 91.29 -104.75
CA LEU OA 36 -28.11 88.81 -104.38
CA HIS OA 37 -29.26 88.06 -100.94
CA PHE OA 38 -32.44 86.93 -102.47
CA PHE OA 39 -31.06 85.13 -105.40
CA MET OA 40 -28.90 83.07 -103.17
CA THR OA 41 -31.62 82.27 -100.77
CA HIS OA 42 -33.71 81.18 -103.74
CA PRO OA 43 -31.35 79.35 -106.06
CA GLU OA 44 -31.80 77.19 -109.08
CA ARG OA 45 -35.18 78.74 -109.53
CA VAL OA 46 -36.32 81.12 -112.21
CA TYR OA 47 -37.98 84.35 -111.15
CA SER OA 48 -39.86 86.80 -113.29
CA ARG OA 49 -39.24 90.46 -113.21
CA GLU OA 50 -42.60 91.19 -111.66
CA GLN OA 51 -41.70 88.76 -108.95
CA LEU OA 52 -38.21 89.90 -108.23
CA LEU OA 53 -39.59 93.34 -107.75
CA ASN OA 54 -42.10 92.29 -105.18
CA HIS OA 55 -39.55 90.25 -103.38
CA VAL OA 56 -36.79 92.79 -103.44
CA TRP OA 57 -38.70 96.00 -103.74
CA GLY OA 58 -41.43 95.12 -101.39
CA THR OA 59 -43.75 96.22 -104.08
CA ASN OA 60 -43.88 96.61 -107.81
CA VAL OA 61 -45.86 99.55 -106.42
CA TYR OA 62 -43.47 101.81 -108.23
CA VAL OA 63 -40.61 100.55 -110.38
CA GLU OA 64 -40.85 99.79 -114.07
CA ASP OA 65 -40.08 96.17 -114.95
CA ARG OA 66 -36.92 96.66 -116.93
CA THR OA 67 -35.39 98.52 -114.11
CA VAL OA 68 -34.45 95.07 -112.99
CA ASP OA 69 -32.28 94.34 -116.00
CA VAL OA 70 -30.28 97.36 -115.09
CA HIS OA 71 -29.68 96.06 -111.66
CA ILE OA 72 -28.92 92.60 -112.90
CA ARG OA 73 -26.01 94.07 -114.81
CA ARG OA 74 -24.74 95.85 -111.75
CA LEU OA 75 -24.82 92.66 -109.76
CA ARG OA 76 -23.18 90.65 -112.44
CA LYS OA 77 -20.54 93.32 -112.64
CA ALA OA 78 -20.06 93.36 -108.94
CA LEU OA 79 -19.80 89.62 -109.22
CA GLU OA 80 -17.31 89.28 -112.03
CA PRO OA 81 -14.59 88.42 -109.58
CA GLY OA 82 -14.29 84.71 -109.26
CA GLY OA 83 -16.49 84.56 -112.28
CA HIS OA 84 -19.34 84.16 -109.88
CA ASP OA 85 -21.24 86.64 -111.96
CA ARG OA 86 -21.97 83.92 -114.42
CA MET OA 87 -24.33 82.59 -111.82
CA VAL OA 88 -26.86 85.33 -112.43
CA GLN OA 89 -28.35 83.65 -115.45
CA THR OA 90 -31.05 84.93 -117.75
CA VAL OA 91 -33.91 82.70 -118.81
CA ARG OA 92 -35.27 84.43 -121.82
CA GLY OA 93 -38.94 85.06 -121.96
CA THR OA 94 -39.28 84.69 -118.30
CA GLY OA 95 -36.69 86.41 -116.26
CA TYR OA 96 -33.58 85.86 -114.27
CA ARG OA 97 -32.43 83.14 -111.95
CA PHE OA 98 -29.51 82.38 -109.70
CA SER OA 99 -27.78 79.06 -110.17
CA THR OA 100 -24.56 77.42 -109.12
CA ARG OA 101 -24.26 75.73 -112.44
CA PHE OA 102 -22.70 78.59 -114.30
CA VAL PA 1 -47.10 73.11 -108.99
CA GLU PA 2 -43.66 72.77 -110.59
CA GLU PA 3 -43.06 69.09 -111.29
CA VAL PA 4 -40.16 68.35 -113.55
CA ILE PA 5 -41.00 66.23 -116.51
CA GLU PA 6 -38.41 63.71 -117.39
CA MET PA 7 -39.10 61.19 -120.04
CA GLN PA 8 -36.72 58.51 -121.15
CA GLY PA 9 -33.58 60.61 -120.87
CA LEU PA 10 -35.05 63.93 -121.85
CA SER PA 11 -35.58 66.23 -118.99
CA LEU PA 12 -37.22 69.64 -118.74
CA ASP PA 13 -37.16 71.67 -115.60
CA PRO PA 14 -40.18 73.98 -115.88
CA THR PA 15 -38.88 76.20 -113.20
CA SER PA 16 -35.57 76.86 -114.80
CA HIS PA 17 -36.19 76.19 -118.41
CA ARG PA 18 -33.52 73.56 -118.26
CA VAL PA 19 -33.86 70.92 -120.88
CA MET PA 20 -31.35 68.15 -120.63
CA ALA PA 21 -30.34 65.21 -122.71
CA GLY PA 22 -29.31 62.94 -119.94
CA GLU PA 23 -26.45 65.12 -118.79
CA GLU PA 24 -25.81 67.23 -121.87
CA PRO PA 25 -28.15 70.17 -121.52
CA LEU PA 26 -29.87 71.18 -124.68
CA GLU PA 27 -30.12 74.69 -126.04
CA MET PA 28 -33.26 75.95 -127.74
CA GLY PA 29 -35.22 79.12 -128.34
CA PRO PA 30 -38.20 80.06 -126.18
CA THR PA 31 -40.86 78.87 -128.51
CA GLU PA 32 -38.91 75.75 -129.26
CA PHE PA 33 -39.00 75.35 -125.60
CA LYS PA 34 -42.65 76.00 -125.05
CA LEU PA 35 -43.22 73.52 -127.74
CA LEU PA 36 -41.35 70.68 -126.17
CA HIS PA 37 -42.90 71.54 -122.93
CA PHE PA 38 -46.16 70.81 -124.56
CA PHE PA 39 -45.14 67.79 -126.50
CA MET PA 40 -43.89 66.18 -123.38
CA THR PA 41 -46.92 66.98 -121.37
CA HIS PA 42 -49.02 65.49 -124.17
CA PRO PA 43 -47.12 62.42 -125.38
CA GLU PA 44 -47.97 59.53 -127.64
CA ARG PA 45 -50.69 61.65 -129.09
CA VAL PA 46 -50.82 63.15 -132.47
CA TYR PA 47 -51.57 66.84 -132.78
CA SER PA 48 -52.51 68.79 -135.83
CA ARG PA 49 -50.82 71.99 -136.79
CA GLU PA 50 -53.87 74.08 -136.12
CA GLN PA 51 -53.97 72.58 -132.70
CA LEU PA 52 -50.36 72.96 -131.80
CA LEU PA 53 -50.69 76.58 -132.66
CA ASN PA 54 -53.57 77.20 -130.34
CA HIS PA 55 -51.87 75.31 -127.65
CA VAL PA 56 -48.48 76.87 -127.97
CA TRP PA 57 -49.35 80.19 -129.59
CA GLY PA 58 -52.74 81.67 -129.08
CA THR PA 59 -56.33 82.00 -130.17
CA ASN PA 60 -56.24 84.37 -133.06
CA VAL PA 61 -52.62 83.93 -133.72
CA TYR PA 62 -51.69 85.43 -137.03
CA VAL PA 63 -49.19 82.76 -137.92
CA GLU PA 64 -49.41 80.43 -140.81
CA ASP PA 65 -49.76 76.71 -140.33
CA ARG PA 66 -46.47 75.63 -141.80
CA THR PA 67 -44.65 77.93 -139.50
CA VAL PA 68 -44.87 74.97 -137.22
CA ASP PA 69 -42.82 72.69 -139.43
CA VAL PA 70 -40.05 75.16 -139.22
CA HIS PA 71 -40.15 75.06 -135.49
CA ILE PA 72 -40.35 71.31 -135.46
CA ARG PA 73 -37.02 71.25 -137.21
CA ARG PA 74 -35.50 73.56 -134.64
CA LEU PA 75 -36.67 71.41 -131.79
CA ARG PA 76 -35.50 68.24 -133.45
CA LYS PA 77 -32.22 69.95 -134.02
CA ALA PA 78 -32.02 71.16 -130.52
CA LEU PA 79 -32.86 67.59 -129.59
CA GLU PA 80 -30.33 65.67 -131.68
CA PRO PA 81 -28.21 65.04 -128.66
CA GLY PA 82 -28.99 61.71 -127.17
CA GLY PA 83 -30.92 61.19 -130.33
CA HIS PA 84 -33.96 62.31 -128.41
CA ASP PA 85 -34.89 64.28 -131.44
CA ARG PA 86 -36.23 61.17 -133.00
CA MET PA 87 -39.08 61.52 -130.60
CA VAL PA 88 -40.59 64.41 -132.45
CA GLN PA 89 -42.29 62.19 -134.98
CA THR PA 90 -44.30 63.31 -137.98
CA VAL PA 91 -47.62 61.62 -138.73
CA ARG PA 92 -48.17 62.44 -142.32
CA GLY PA 93 -51.45 63.99 -143.26
CA THR PA 94 -52.20 65.00 -139.76
CA GLY PA 95 -49.35 66.58 -137.96
CA TYR PA 96 -46.69 65.97 -135.42
CA ARG PA 97 -46.57 64.08 -132.22
CA PHE PA 98 -44.18 63.41 -129.42
CA SER PA 99 -43.48 59.78 -128.59
CA THR PA 100 -40.99 57.84 -126.50
CA ARG PA 101 -40.95 55.04 -129.01
CA PHE PA 102 -38.48 56.59 -131.43
CA VAL SA 1 9.83 49.87 -43.81
CA GLU SA 2 7.69 46.93 -42.84
CA GLU SA 3 4.02 47.71 -43.05
CA VAL SA 4 2.86 47.23 -46.55
CA ILE SA 5 1.57 50.68 -47.49
CA GLU SA 6 -1.79 50.56 -49.16
CA MET SA 7 -3.91 53.21 -50.72
CA GLN SA 8 -7.04 52.77 -52.71
CA GLY SA 9 -5.90 49.66 -54.52
CA LEU SA 10 -2.30 50.57 -54.83
CA SER SA 11 -0.09 48.65 -52.48
CA LEU SA 12 3.58 48.90 -51.66
CA ASP SA 13 5.36 46.47 -49.40
CA PRO SA 14 8.37 48.41 -48.13
CA THR SA 15 10.08 45.30 -46.91
CA SER SA 16 9.87 43.48 -50.21
CA HIS SA 17 9.58 46.33 -52.66
CA ARG SA 18 6.36 44.79 -53.85
CA VAL SA 19 4.06 47.29 -55.46
CA MET SA 20 0.72 45.92 -56.48
CA ALA SA 21 -2.23 47.22 -58.35
CA GLY SA 22 -4.89 45.27 -56.55
CA GLU SA 23 -3.59 41.87 -57.53
CA GLU SA 24 -1.54 42.67 -60.60
CA PRO SA 25 1.88 43.53 -59.27
CA LEU SA 26 3.48 46.51 -60.91
CA GLU SA 27 7.02 46.67 -62.17
CA MET SA 28 9.18 49.77 -61.82
CA GLY SA 29 12.74 50.85 -61.49
CA PRO SA 30 14.25 51.55 -58.09
CA THR SA 31 13.99 55.30 -58.33
CA GLU SA 32 10.55 55.04 -59.73
CA PHE SA 33 9.99 52.98 -56.69
CA LYS SA 34 11.51 55.29 -54.15
CA LEU SA 35 9.46 57.98 -55.77
CA LEU SA 36 6.16 56.29 -55.32
CA HIS SA 37 7.16 55.33 -51.86
CA PHE SA 38 7.42 58.96 -51.18
CA PHE SA 39 4.39 60.14 -53.01
CA MET SA 40 2.30 57.71 -51.12
CA THR SA 41 3.77 58.58 -47.81
CA HIS SA 42 3.06 62.23 -48.67
CA PRO SA 43 -0.30 62.29 -50.42
CA GLU SA 44 -2.73 65.02 -51.40
CA ARG SA 45 0.11 67.45 -51.20
CA VAL SA 46 1.81 69.29 -54.00
CA TYR SA 47 5.56 69.07 -54.21
CA SER SA 48 7.85 71.11 -56.32
CA ARG SA 49 10.52 69.62 -58.40
CA GLU SA 50 13.27 71.06 -56.28
CA GLN SA 51 11.66 69.41 -53.34
CA LEU SA 52 11.04 66.01 -54.77
CA LEU SA 53 14.64 65.88 -55.63
CA ASN SA 54 15.84 66.53 -52.16
CA HIS SA 55 13.44 64.05 -50.76
CA VAL SA 56 14.06 61.30 -53.21
CA TRP SA 57 17.52 62.08 -54.33
CA GLY SA 58 18.91 63.00 -51.02
CA THR SA 59 20.17 66.09 -52.70
CA ASN SA 60 19.44 68.31 -55.66
CA VAL SA 61 23.22 68.21 -55.32
CA TYR SA 62 23.29 66.86 -58.83
CA VAL SA 63 20.19 66.29 -60.93
CA GLU SA 64 18.58 68.87 -63.22
CA ASP SA 65 15.01 69.77 -62.33
CA ARG SA 66 13.20 68.41 -65.33
CA THR SA 67 14.77 65.06 -64.78
CA VAL SA 68 11.85 64.60 -62.52
CA ASP SA 69 9.25 64.93 -65.29
CA VAL SA 70 10.94 62.06 -66.94
CA HIS SA 71 10.62 59.89 -63.92
CA ILE SA 72 7.07 60.98 -63.38
CA ARG SA 73 6.21 59.51 -66.73
CA ARG SA 74 7.90 56.24 -65.86
CA LEU SA 75 5.98 55.97 -62.67
CA ARG SA 76 2.72 56.86 -64.31
CA LYS SA 77 3.47 54.23 -66.88
CA ALA SA 78 4.36 51.66 -64.30
CA LEU SA 79 1.14 52.61 -62.69
CA GLU SA 80 -1.25 52.48 -65.62
CA PRO SA 81 -2.59 49.18 -64.40
CA GLY SA 82 -5.63 49.75 -62.38
CA GLY SA 83 -5.54 53.27 -63.71
CA HIS SA 84 -3.69 54.11 -60.55
CA ASP SA 85 -1.35 56.15 -62.65
CA ARG SA 86 -3.91 58.89 -62.80
CA MET SA 87 -3.00 59.51 -59.23
CA VAL SA 88 0.32 61.07 -60.10
CA GLN SA 89 -1.19 64.46 -60.91
CA THR SA 90 0.54 67.55 -62.25
CA VAL SA 91 -0.13 70.95 -60.75
CA ARG SA 92 1.05 73.33 -63.38
CA GLY SA 93 3.40 76.04 -62.36
CA THR SA 94 4.36 74.22 -59.25
CA GLY SA 95 5.04 70.57 -59.63
CA TYR SA 96 3.60 67.16 -59.09
CA ARG SA 97 1.54 65.61 -56.38
CA PHE SA 98 0.11 62.24 -55.45
CA SER SA 99 -3.58 62.09 -54.79
CA THR SA 100 -6.23 59.45 -54.42
CA ARG SA 101 -8.74 61.64 -56.17
CA PHE SA 102 -7.79 60.81 -59.69
CA VAL TA 1 2.05 77.64 -42.49
CA GLU TA 2 -0.39 76.01 -44.91
CA GLU TA 3 -3.89 76.77 -43.75
CA VAL TA 4 -6.62 76.05 -46.24
CA ILE TA 5 -8.90 78.94 -46.98
CA GLU TA 6 -12.48 78.04 -47.38
CA MET TA 7 -15.06 80.71 -47.77
CA GLN TA 8 -18.74 80.12 -48.15
CA GLY TA 9 -18.44 77.05 -50.32
CA LEU TA 10 -15.36 78.04 -52.18
CA SER TA 11 -12.31 76.23 -51.04
CA LEU TA 12 -8.67 76.58 -51.96
CA ASP TA 13 -6.02 74.20 -50.72
CA PRO TA 14 -2.80 76.19 -50.90
CA THR TA 15 -0.73 73.09 -50.59
CA SER TA 16 -2.30 71.32 -53.50
CA HIS TA 17 -3.72 74.11 -55.57
CA ARG TA 18 -7.10 72.55 -55.18
CA VAL TA 19 -9.92 74.97 -55.60
CA MET TA 20 -13.30 73.48 -55.00
CA ALA TA 21 -16.85 74.60 -55.43
CA GLY TA 22 -18.29 72.65 -52.61
CA GLU TA 23 -17.52 69.26 -54.06
CA GLU TA 24 -17.11 70.13 -57.71
CA PRO TA 25 -13.48 71.08 -58.01
CA LEU TA 26 -12.86 74.08 -60.20
CA GLU TA 27 -10.33 74.30 -62.95
CA MET TA 28 -8.35 77.46 -63.58
CA GLY TA 29 -5.03 78.65 -64.87
CA PRO TA 30 -2.13 79.46 -62.54
CA THR TA 31 -2.58 83.18 -62.57
CA GLU TA 32 -6.30 82.82 -62.29
CA PHE TA 33 -5.39 80.78 -59.32
CA LYS TA 34 -2.93 83.13 -57.76
CA LEU TA 35 -5.56 85.75 -58.23
CA LEU TA 36 -8.25 83.99 -56.35
CA HIS TA 37 -5.75 83.07 -53.75
CA PHE TA 38 -5.33 86.73 -53.25
CA PHE TA 39 -8.89 87.78 -53.54
CA MET TA 40 -9.79 85.32 -50.88
CA THR TA 41 -7.03 86.28 -48.57
CA HIS TA 42 -8.15 89.91 -49.00
CA PRO TA 43 -11.95 89.85 -49.08
CA GLU TA 44 -14.63 92.51 -48.90
CA ARG TA 45 -12.06 95.01 -49.97
CA VAL TA 46 -11.88 96.81 -53.22
CA TYR TA 47 -8.61 96.75 -55.07
CA SER TA 48 -7.57 98.86 -57.96
CA ARG TA 49 -6.09 97.41 -61.04
CA GLU TA 50 -2.71 98.91 -60.40
CA GLN TA 51 -2.78 97.28 -57.02
CA LEU TA 52 -3.91 93.84 -58.03
CA LEU TA 53 -1.08 93.81 -60.43
CA ASN TA 54 1.56 94.52 -57.85
CA HIS TA 55 0.07 92.01 -55.56
CA VAL TA 56 -0.38 89.22 -57.99
CA TRP TA 57 2.20 90.11 -60.58
CA GLY TA 58 5.20 92.12 -59.59
CA THR TA 59 6.84 95.47 -59.10
CA ASN TA 60 7.79 96.61 -62.52
CA VAL TA 61 5.48 94.29 -64.27
CA TYR TA 62 5.19 95.22 -67.89
CA VAL TA 63 1.53 94.41 -68.17
CA GLU TA 64 -1.21 96.83 -69.02
CA ASP TA 65 -3.92 97.64 -66.58
CA ARG TA 66 -6.84 96.20 -68.45
CA THR TA 67 -5.11 92.90 -68.69
CA VAL TA 68 -6.66 92.37 -65.36
CA ASP TA 69 -10.22 92.62 -66.64
CA VAL TA 70 -9.46 89.78 -68.91
CA HIS TA 71 -8.29 87.65 -66.05
CA ILE TA 72 -11.22 88.64 -63.99
CA ARG TA 73 -13.44 87.12 -66.61
CA ARG TA 74 -11.46 83.87 -66.54
CA LEU TA 75 -11.71 83.56 -62.83
CA ARG TA 76 -15.40 84.35 -62.88
CA LYS TA 77 -15.76 81.77 -65.53
CA ALA TA 78 -13.73 79.25 -63.64
CA LEU TA 79 -15.94 80.14 -60.75
CA GLU TA 80 -19.40 79.85 -62.33
CA PRO TA 81 -19.93 76.54 -60.64
CA GLY TA 82 -21.79 77.01 -57.46
CA GLY TA 83 -22.32 80.51 -58.75
CA HIS TA 84 -19.32 81.47 -56.66
CA ASP TA 85 -18.25 83.56 -59.57
CA ARG TA 86 -20.66 86.23 -58.55
CA MET TA 87 -18.22 86.92 -55.78
CA VAL TA 88 -15.75 88.57 -58.04
CA GLN TA 89 -17.57 91.90 -58.07
CA THR TA 90 -16.67 94.99 -60.06
CA VAL TA 91 -16.69 98.40 -58.38
CA ARG TA 92 -16.92 100.80 -61.24
CA GLY TA 93 -14.40 103.56 -61.41
CA THR TA 94 -12.08 101.83 -59.03
CA GLY TA 95 -11.58 98.17 -59.69
CA TYR TA 96 -12.53 94.73 -58.56
CA ARG TA 97 -13.08 93.14 -55.25
CA PHE TA 98 -13.87 89.77 -53.79
CA SER TA 99 -16.88 89.53 -51.58
CA THR TA 100 -18.97 86.78 -50.04
CA ARG TA 101 -22.09 88.88 -50.45
CA PHE TA 102 -22.78 88.07 -54.05
CA MET WA 1 61.10 -79.82 51.67
CA ASP WA 2 61.68 -81.37 55.11
CA SER WA 3 63.88 -78.63 56.54
CA ALA WA 4 61.25 -76.14 55.44
CA THR WA 5 58.53 -78.14 57.15
CA THR WA 6 60.46 -78.50 60.42
CA GLU WA 7 60.89 -74.55 60.45
CA SER WA 8 57.20 -73.86 60.00
CA LEU WA 9 56.12 -76.69 62.26
CA ARG WA 10 58.55 -75.81 65.01
CA ALA WA 11 57.56 -72.13 64.93
CA ALA WA 12 53.83 -72.69 64.76
CA THR WA 13 53.76 -75.35 67.44
CA HIS WA 14 56.04 -73.29 69.65
CA ASP WA 15 53.70 -70.32 69.42
CA VAL WA 16 50.62 -72.23 70.50
CA LEU WA 17 52.83 -74.09 72.96
CA ALA WA 18 53.15 -70.78 74.75
CA GLY WA 19 49.47 -70.09 74.09
CA LEU WA 20 48.58 -72.52 76.79
CA THR WA 21 51.30 -72.97 79.35
CA ALA WA 22 54.61 -74.76 78.97
CA ARG WA 23 53.30 -77.09 81.65
CA GLU WA 24 51.15 -79.42 79.59
CA ALA WA 25 52.47 -78.17 76.30
CA LYS WA 26 55.94 -79.41 77.10
CA VAL WA 27 54.70 -82.39 79.11
CA LEU WA 28 53.19 -83.81 75.97
CA ARG WA 29 56.12 -82.78 73.84
CA MET WA 30 58.69 -83.95 76.36
CA ARG WA 31 57.02 -87.33 76.78
CA PHE WA 32 56.18 -88.20 73.22
CA GLY WA 33 57.19 -86.09 71.45
CA ILE WA 34 60.43 -84.16 71.31
CA ASP WA 35 62.59 -84.98 74.28
CA MET WA 36 62.66 -88.65 75.35
CA ASN WA 37 60.92 -90.73 72.69
CA THR WA 38 59.22 -93.03 75.17
CA ASP WA 39 55.53 -92.36 75.53
CA TYR WA 40 54.59 -91.73 79.12
CA THR WA 41 51.23 -92.57 80.63
CA LEU WA 42 48.99 -90.10 82.29
CA GLU WA 43 49.98 -91.44 85.68
CA GLU WA 44 53.65 -90.87 84.91
CA VAL WA 45 52.91 -87.30 83.85
CA GLY WA 46 51.03 -86.78 87.06
CA LYS WA 47 53.87 -88.25 89.06
CA GLN WA 48 56.20 -85.72 87.48
CA PHE WA 49 54.51 -82.97 89.45
CA ASP WA 50 52.44 -85.00 91.89
CA VAL WA 51 48.62 -85.39 91.77
CA THR WA 52 46.15 -87.62 89.93
CA ARG WA 53 45.69 -88.52 86.30
CA GLU WA 54 42.50 -86.51 86.28
CA ARG WA 55 44.28 -83.16 86.17
CA ILE WA 56 46.31 -84.28 83.21
CA ARG WA 57 43.28 -85.48 81.31
CA GLN WA 58 41.76 -82.15 82.30
CA ILE WA 59 44.52 -80.08 80.77
CA GLU WA 60 45.65 -82.56 78.15
CA ALA WA 61 42.26 -82.65 76.48
CA LYS WA 62 41.19 -79.08 77.17
CA ALA WA 63 44.49 -77.48 76.24
CA LEU WA 64 44.97 -79.47 73.07
CA ARG WA 65 41.44 -78.61 72.00
CA LYS WA 66 42.02 -74.98 72.89
CA LEU WA 67 45.23 -75.31 70.96
CA ARG WA 68 43.40 -76.45 67.87
CA HIS WA 69 40.23 -74.37 67.71
CA PRO WA 70 41.65 -70.85 67.56
CA SER WA 71 43.51 -71.74 64.46
CA ARG WA 72 44.57 -71.22 60.88
CA SER WA 73 48.15 -72.32 60.48
CA GLU WA 74 47.32 -75.57 58.72
CA VAL WA 75 50.53 -76.55 57.03
CA LEU WA 76 50.93 -80.25 57.79
CA ARG WA 77 47.31 -81.21 57.15
CA SER WA 78 47.90 -81.63 53.47
CA THR WA 85 56.78 -89.50 64.57
CA PRO WA 86 56.64 -87.71 67.91
CA GLU WA 87 55.70 -84.35 66.37
CA GLU WA 88 53.19 -85.80 63.95
CA LYS WA 89 51.56 -87.93 66.61
CA LEU WA 90 50.52 -84.80 68.46
CA LEU WA 91 49.24 -83.16 65.31
CA ARG WA 92 47.15 -86.23 64.58
CA ALA WA 93 45.85 -86.39 68.11
CA ILE WA 94 44.65 -82.78 67.98
CA PHE WA 95 42.19 -83.03 65.11
CA GLY WA 96 41.76 -86.79 64.91
CA GLU WA 97 44.20 -89.37 66.23
CA LYS WA 98 42.69 -92.17 64.19
CA ALA WA 99 43.98 -91.69 60.71
CA MET XA 1 -40.35 90.00 -68.66
CA ASP XA 2 -41.38 89.46 -65.04
CA SER XA 3 -45.12 89.86 -65.49
CA ALA XA 4 -44.90 87.35 -68.32
CA THR XA 5 -43.03 84.92 -66.10
CA THR XA 6 -45.46 85.24 -63.19
CA GLU XA 7 -48.37 84.46 -65.75
CA SER XA 8 -46.71 81.30 -67.03
CA LEU XA 9 -45.41 80.26 -63.66
CA ARG XA 10 -48.69 80.83 -61.90
CA ALA XA 11 -50.65 78.91 -64.49
CA ALA XA 12 -48.27 75.97 -64.76
CA THR XA 13 -47.81 75.54 -61.05
CA HIS XA 14 -51.54 75.89 -60.47
CA ASP XA 15 -52.26 73.07 -62.90
CA VAL XA 16 -49.93 70.56 -61.27
CA LEU XA 17 -51.07 71.92 -57.94
CA ALA XA 18 -54.44 70.39 -58.75
CA GLY XA 19 -52.67 67.36 -60.19
CA LEU XA 20 -51.97 66.14 -56.73
CA THR XA 21 -54.38 67.46 -54.18
CA ALA XA 22 -54.66 70.99 -52.86
CA ARG XA 23 -53.79 69.42 -49.54
CA GLU XA 24 -50.02 69.20 -49.81
CA ALA XA 25 -49.85 71.40 -52.88
CA LYS XA 26 -51.19 74.38 -51.01
CA VAL XA 27 -49.57 73.35 -47.75
CA LEU XA 28 -46.17 73.88 -49.32
CA ARG XA 29 -47.28 77.00 -51.17
CA MET XA 30 -49.12 78.44 -48.21
CA ARG XA 31 -46.17 77.86 -45.92
CA PHE XA 32 -43.30 78.99 -48.09
CA GLY XA 33 -44.33 79.98 -50.62
CA ILE XA 34 -47.23 82.21 -51.56
CA ASP XA 35 -49.32 82.99 -48.55
CA MET XA 36 -47.40 83.70 -45.35
CA ASN XA 37 -43.71 84.02 -46.18
CA THR XA 38 -42.56 82.19 -43.08
CA ASP XA 39 -41.31 78.68 -43.76
CA TYR XA 40 -43.13 76.11 -41.65
CA THR XA 41 -41.62 72.84 -40.45
CA LEU XA 42 -43.03 69.44 -41.14
CA GLU XA 43 -44.40 69.21 -37.65
CA GLU XA 44 -46.26 72.49 -38.08
CA VAL XA 45 -47.76 71.24 -41.30
CA GLY XA 46 -48.82 68.06 -39.53
CA LYS XA 47 -50.32 70.04 -36.72
CA GLN XA 48 -52.43 71.95 -39.21
CA PHE XA 49 -54.46 68.79 -39.80
CA ASP XA 50 -53.29 66.58 -36.96
CA VAL XA 51 -50.98 63.50 -37.31
CA THR XA 52 -47.24 62.90 -37.53
CA ARG XA 53 -44.51 64.39 -39.67
CA GLU XA 54 -44.23 61.06 -41.43
CA ARG XA 55 -47.37 61.60 -43.45
CA ILE XA 56 -46.11 64.98 -44.62
CA ARG XA 57 -42.73 63.60 -45.65
CA GLN XA 58 -44.75 60.85 -47.30
CA ILE XA 59 -46.78 63.25 -49.41
CA GLU XA 60 -44.30 66.12 -49.57
CA ALA XA 61 -41.63 64.00 -51.18
CA LYS XA 62 -43.88 61.69 -53.15
CA ALA XA 63 -46.18 64.42 -54.45
CA LEU XA 64 -43.42 66.84 -55.41
CA ARG XA 65 -41.64 64.04 -57.22
CA LYS XA 66 -44.88 63.03 -58.86
CA LEU XA 67 -45.30 66.72 -59.64
CA ARG XA 68 -41.96 66.87 -61.40
CA HIS XA 69 -41.68 63.60 -63.31
CA PRO XA 70 -44.74 63.80 -65.54
CA SER XA 71 -43.47 67.02 -66.98
CA ARG XA 72 -42.49 69.35 -69.81
CA SER XA 73 -43.37 72.91 -68.91
CA GLU XA 74 -39.81 73.98 -68.18
CA VAL XA 75 -39.91 77.76 -68.35
CA LEU XA 76 -37.99 78.90 -65.32
CA ARG XA 77 -35.14 76.39 -65.65
CA SER XA 78 -33.24 78.65 -68.01
CA THR XA 85 -37.76 83.87 -53.77
CA PRO XA 86 -40.68 81.68 -52.65
CA GLU XA 87 -41.47 80.51 -56.14
CA GLU XA 88 -37.86 79.94 -57.11
CA LYS XA 89 -37.10 78.06 -53.93
CA LEU XA 90 -39.56 75.36 -54.88
CA LEU XA 91 -38.19 75.15 -58.38
CA ARG XA 92 -34.71 74.71 -56.99
CA ALA XA 93 -35.85 72.09 -54.50
CA ILE XA 94 -37.44 69.98 -57.22
CA PHE XA 95 -34.39 69.28 -59.32
CA GLY XA 96 -31.64 70.21 -56.90
CA GLU XA 97 -32.03 72.50 -53.95
CA LYS XA 98 -28.29 73.03 -53.61
CA ALA XA 99 -27.37 75.53 -56.28
#